data_4J3V
#
_entry.id   4J3V
#
_cell.length_a   173.990
_cell.length_b   85.820
_cell.length_c   61.550
_cell.angle_alpha   90.000
_cell.angle_beta   95.980
_cell.angle_gamma   90.000
#
_symmetry.space_group_name_H-M   'C 1 2 1'
#
loop_
_entity.id
_entity.type
_entity.pdbx_description
1 polymer 'Limit dextrinase'
2 branched alpha-D-glucopyranose-(1-4)-alpha-D-glucopyranose-(1-4)-alpha-D-glucopyranose-(1-4)-alpha-D-glucopyranose
3 branched alpha-D-glucopyranose-(1-4)-alpha-D-glucopyranose-(1-1)-[alpha-D-glucopyranose-(1-4)]6-thio-alpha-D-glucopyranose-(1-4)-alpha-D-glucopyranose-(1-4)-alpha-D-glucopyranose
4 non-polymer 'IODIDE ION'
5 non-polymer 'CALCIUM ION'
6 non-polymer 'CHLORIDE ION'
7 water water
#
_entity_poly.entity_id   1
_entity_poly.type   'polypeptide(L)'
_entity_poly.pdbx_seq_one_letter_code
;MGSSHHHHHHSSGLVPRGSHMAFMPDARAYWVTSDLIAWNVGELEAQSVCLYASRAAAMSLSPSNGGIQGYDSKVELQPE
SAGLPETVTQKFPFISSYRAFRVPSSVDVASLVKCQLVVASFGADGKHVDVTGLQLPGVLDDMFAYTGPLGAVFSEDSVS
LHLWAPTAQGVSVCFFDGPAGPALETVQLKESNGVWSVTGPREWENRYYLYEVDVYHPTKAQVLKCLAGDPYARSLSANG
ARTWLVDINNETLKPASWDELADEKPKLDSFSDITIYELHIRDFSAHDGTVDSDSRGGFRAFAYQASAGMEHLRKLSDAG
LTHVHLLPSFHFAGVDDIKSNWKFVDECELATFPPGSDMQQAAVVAIQEEDPYNWGYNPVLWGVPKGSYASDPDGPSRII
EYRQMVQALNRIGLRVVMDVVYNHLDSSGPCGISSVLDKIVPGYYVRRDTNGQIENSAAMNNTASEHFMVDRLIVDDLLN
WAVNYKVDGFRFDLMGHIMKRTMMRAKSALQSLTTDAHGVDGSKIYLYGEGWDFAEVARNQRGINGSQLNMSGTGIGSFN
DRIRDAINGGNPFGNPLQQGFNTGLFLEPNGFYQGNEADTRRSLATYADQIQIGLAGNLRDYVLISHTGEAKKGSEIHTF
DGLPVGYTASPIETINYVSAHDNETLFDVISVKTPMILSVDERCRINHLASSMMALSQGIPFFHAGDEILRSKSIDRDSY
NSGDWFNKLDFTYETNNWGVGLPPSEKNEDNWPLMKPRLENPSFKPAKGHILAALDSFVDILKIRYSSPLFRLSTANDIK
QRVRFHNTGPSLVPGVIVMGIEDARGESPEMAQLDTNFSYVVTVFNVCPHEVSMDIPALASMGFELHPVQVNSSDTLVRK
SAYEAATGRFTVPGRTVSVFVEPRC
;
_entity_poly.pdbx_strand_id   A
#
loop_
_chem_comp.id
_chem_comp.type
_chem_comp.name
_chem_comp.formula
CA non-polymer 'CALCIUM ION' 'Ca 2'
CL non-polymer 'CHLORIDE ION' 'Cl -1'
GLC D-saccharide, alpha linking alpha-D-glucopyranose 'C6 H12 O6'
IOD non-polymer 'IODIDE ION' 'I -1'
SGD D-saccharide, alpha linking 6-thio-alpha-D-glucopyranose 'C6 H12 O5 S'
#
# COMPACT_ATOMS: atom_id res chain seq x y z
N PHE A 23 13.26 14.99 -36.31
CA PHE A 23 13.67 13.56 -36.07
C PHE A 23 13.30 13.13 -34.65
N MET A 24 12.29 12.26 -34.56
CA MET A 24 11.72 11.81 -33.29
C MET A 24 11.46 10.30 -33.35
N PRO A 25 12.52 9.50 -33.37
CA PRO A 25 12.31 8.05 -33.45
C PRO A 25 11.66 7.48 -32.20
N ASP A 26 10.94 6.36 -32.37
CA ASP A 26 10.55 5.52 -31.25
C ASP A 26 11.77 4.70 -30.82
N ALA A 27 11.57 3.65 -30.02
CA ALA A 27 12.69 2.85 -29.50
C ALA A 27 12.26 1.40 -29.35
N ARG A 28 12.39 0.67 -30.46
CA ARG A 28 11.94 -0.70 -30.54
C ARG A 28 13.07 -1.71 -30.38
N ALA A 29 14.30 -1.20 -30.33
CA ALA A 29 15.48 -2.02 -30.07
C ALA A 29 15.98 -1.81 -28.64
N TYR A 30 16.66 -2.82 -28.13
CA TYR A 30 17.18 -2.80 -26.75
C TYR A 30 18.68 -3.03 -26.76
N TRP A 31 19.42 -2.19 -26.06
CA TRP A 31 20.83 -2.46 -25.83
C TRP A 31 20.90 -3.19 -24.48
N VAL A 32 21.10 -4.50 -24.52
CA VAL A 32 20.87 -5.36 -23.34
C VAL A 32 22.13 -5.69 -22.54
N THR A 33 23.26 -5.77 -23.21
CA THR A 33 24.54 -5.95 -22.57
C THR A 33 25.58 -5.19 -23.38
N SER A 34 26.79 -5.09 -22.84
CA SER A 34 27.83 -4.33 -23.50
C SER A 34 28.00 -4.72 -24.96
N ASP A 35 27.87 -6.01 -25.25
CA ASP A 35 28.09 -6.51 -26.62
C ASP A 35 26.85 -6.98 -27.39
N LEU A 36 25.65 -6.83 -26.84
CA LEU A 36 24.43 -7.28 -27.53
C LEU A 36 23.30 -6.28 -27.59
N ILE A 37 22.75 -6.12 -28.80
CA ILE A 37 21.54 -5.41 -29.07
C ILE A 37 20.46 -6.39 -29.51
N ALA A 38 19.24 -6.18 -29.03
CA ALA A 38 18.08 -7.01 -29.39
C ALA A 38 17.09 -6.18 -30.21
N TRP A 39 16.65 -6.72 -31.35
CA TRP A 39 15.68 -6.03 -32.20
C TRP A 39 14.87 -7.06 -33.00
N ASN A 40 13.55 -6.91 -32.98
CA ASN A 40 12.64 -7.90 -33.56
C ASN A 40 12.43 -7.67 -35.04
N VAL A 41 13.49 -7.90 -35.81
CA VAL A 41 13.42 -7.79 -37.26
C VAL A 41 13.57 -9.18 -37.85
N GLY A 42 13.30 -9.28 -39.15
CA GLY A 42 13.36 -10.55 -39.88
C GLY A 42 14.78 -10.97 -40.27
N GLU A 43 14.88 -12.13 -40.89
CA GLU A 43 16.18 -12.71 -41.27
C GLU A 43 16.91 -11.86 -42.30
N LEU A 44 16.19 -11.44 -43.34
CA LEU A 44 16.78 -10.63 -44.41
C LEU A 44 17.19 -9.26 -43.90
N GLU A 45 16.28 -8.62 -43.18
CA GLU A 45 16.54 -7.31 -42.61
C GLU A 45 17.76 -7.33 -41.69
N ALA A 46 17.95 -8.44 -40.97
CA ALA A 46 19.05 -8.56 -39.99
C ALA A 46 20.44 -8.55 -40.66
N GLN A 47 20.48 -8.76 -41.98
CA GLN A 47 21.75 -8.74 -42.70
C GLN A 47 22.32 -7.33 -42.97
N SER A 48 21.54 -6.29 -42.69
CA SER A 48 21.98 -4.92 -42.97
C SER A 48 21.65 -3.95 -41.83
N VAL A 49 21.99 -4.33 -40.60
CA VAL A 49 21.71 -3.50 -39.41
C VAL A 49 22.97 -2.75 -38.97
N CYS A 50 22.84 -1.43 -38.77
CA CYS A 50 23.93 -0.60 -38.27
C CYS A 50 23.50 0.25 -37.09
N LEU A 51 24.49 0.61 -36.27
CA LEU A 51 24.32 1.46 -35.11
C LEU A 51 24.94 2.82 -35.39
N TYR A 52 24.19 3.88 -35.11
CA TYR A 52 24.60 5.25 -35.40
C TYR A 52 24.53 6.12 -34.15
N ALA A 53 25.52 6.98 -33.97
CA ALA A 53 25.59 7.82 -32.76
C ALA A 53 25.88 9.27 -33.10
N SER A 54 25.25 10.18 -32.34
CA SER A 54 25.53 11.60 -32.44
C SER A 54 25.51 12.22 -31.04
N ARG A 55 26.66 12.69 -30.60
CA ARG A 55 26.75 13.32 -29.27
C ARG A 55 25.84 14.55 -29.17
N ALA A 56 25.76 15.33 -30.24
CA ALA A 56 24.95 16.55 -30.29
C ALA A 56 23.49 16.31 -30.67
N ALA A 57 23.11 15.05 -30.83
CA ALA A 57 21.75 14.68 -31.25
C ALA A 57 21.36 15.39 -32.55
N ALA A 58 22.24 15.26 -33.53
CA ALA A 58 22.12 16.00 -34.79
C ALA A 58 21.71 15.13 -35.97
N MET A 59 21.24 13.91 -35.70
CA MET A 59 20.89 12.99 -36.80
C MET A 59 19.53 13.31 -37.43
N SER A 60 19.36 12.86 -38.67
CA SER A 60 18.13 13.03 -39.44
CA SER A 60 18.10 12.99 -39.40
C SER A 60 18.04 11.92 -40.48
N LEU A 61 16.87 11.75 -41.09
CA LEU A 61 16.76 10.84 -42.25
C LEU A 61 17.28 11.59 -43.48
N SER A 62 17.90 10.87 -44.41
CA SER A 62 18.29 11.42 -45.72
C SER A 62 17.09 11.86 -46.54
N GLY A 66 17.02 6.67 -47.87
CA GLY A 66 18.27 6.02 -48.26
C GLY A 66 19.11 5.58 -47.07
N GLY A 67 19.16 6.43 -46.04
CA GLY A 67 19.88 6.13 -44.82
C GLY A 67 19.66 7.14 -43.71
N ILE A 68 20.55 7.08 -42.73
CA ILE A 68 20.61 8.06 -41.65
C ILE A 68 21.73 9.02 -42.02
N GLN A 69 21.58 10.28 -41.64
CA GLN A 69 22.66 11.25 -41.85
C GLN A 69 22.91 12.03 -40.57
N GLY A 70 24.02 12.75 -40.55
CA GLY A 70 24.34 13.62 -39.42
C GLY A 70 24.90 12.89 -38.23
N TYR A 71 25.37 11.66 -38.44
CA TYR A 71 25.95 10.86 -37.35
C TYR A 71 27.44 11.19 -37.15
N ASP A 72 27.92 11.06 -35.92
CA ASP A 72 29.36 11.09 -35.63
C ASP A 72 30.02 9.79 -36.03
N SER A 73 29.30 8.69 -35.86
CA SER A 73 29.86 7.35 -36.10
C SER A 73 28.80 6.36 -36.54
N LYS A 74 29.23 5.36 -37.30
CA LYS A 74 28.38 4.29 -37.80
C LYS A 74 29.15 2.98 -37.69
N VAL A 75 28.49 1.94 -37.20
CA VAL A 75 29.13 0.62 -37.12
C VAL A 75 28.13 -0.47 -37.47
N GLU A 76 28.56 -1.43 -38.29
CA GLU A 76 27.70 -2.57 -38.64
C GLU A 76 27.55 -3.49 -37.43
N LEU A 77 26.34 -4.00 -37.24
CA LEU A 77 26.07 -4.99 -36.19
C LEU A 77 25.85 -6.35 -36.82
N GLN A 78 26.75 -7.29 -36.53
CA GLN A 78 26.62 -8.63 -37.11
C GLN A 78 25.52 -9.40 -36.38
N PRO A 79 24.63 -10.05 -37.14
CA PRO A 79 23.64 -10.87 -36.45
C PRO A 79 24.32 -11.97 -35.63
N GLU A 80 23.91 -12.09 -34.37
CA GLU A 80 24.36 -13.14 -33.48
C GLU A 80 23.37 -14.28 -33.63
N SER A 81 23.74 -15.30 -34.43
CA SER A 81 22.79 -16.38 -34.76
C SER A 81 22.28 -17.17 -33.53
N ALA A 82 23.08 -17.24 -32.47
CA ALA A 82 22.68 -17.91 -31.22
C ALA A 82 21.51 -17.24 -30.49
N GLY A 83 21.21 -15.98 -30.84
CA GLY A 83 20.16 -15.24 -30.17
C GLY A 83 20.60 -14.70 -28.82
N LEU A 84 19.62 -14.36 -27.99
CA LEU A 84 19.87 -13.74 -26.67
C LEU A 84 20.21 -14.78 -25.62
N PRO A 85 21.23 -14.48 -24.77
CA PRO A 85 21.62 -15.44 -23.75
C PRO A 85 20.62 -15.53 -22.59
N GLU A 86 20.72 -16.59 -21.79
CA GLU A 86 19.78 -16.88 -20.69
C GLU A 86 19.64 -15.73 -19.69
N THR A 87 20.75 -15.06 -19.36
CA THR A 87 20.70 -13.95 -18.40
C THR A 87 19.79 -12.85 -18.91
N VAL A 88 19.84 -12.60 -20.22
CA VAL A 88 19.05 -11.55 -20.82
C VAL A 88 17.57 -11.93 -20.85
N THR A 89 17.29 -13.15 -21.28
CA THR A 89 15.91 -13.62 -21.43
C THR A 89 15.23 -13.83 -20.06
N GLN A 90 16.01 -14.19 -19.05
CA GLN A 90 15.51 -14.21 -17.67
C GLN A 90 15.17 -12.81 -17.16
N LYS A 91 16.01 -11.83 -17.48
CA LYS A 91 15.80 -10.46 -17.01
C LYS A 91 14.70 -9.73 -17.77
N PHE A 92 14.57 -10.03 -19.06
CA PHE A 92 13.60 -9.36 -19.93
C PHE A 92 12.81 -10.41 -20.71
N PRO A 93 11.90 -11.14 -20.01
CA PRO A 93 11.20 -12.26 -20.68
C PRO A 93 10.42 -11.85 -21.93
N PHE A 94 9.85 -10.66 -21.87
CA PHE A 94 8.98 -10.16 -22.92
C PHE A 94 9.69 -9.90 -24.26
N ILE A 95 11.02 -9.85 -24.28
CA ILE A 95 11.76 -9.73 -25.55
C ILE A 95 12.60 -10.98 -25.87
N SER A 96 12.33 -12.09 -25.20
CA SER A 96 13.14 -13.30 -25.38
C SER A 96 13.20 -13.84 -26.82
N SER A 97 12.19 -13.56 -27.64
CA SER A 97 12.17 -13.99 -29.05
C SER A 97 12.89 -13.06 -30.03
N TYR A 98 13.40 -11.94 -29.53
CA TYR A 98 14.04 -10.93 -30.39
C TYR A 98 15.35 -11.43 -30.99
N ARG A 99 15.63 -11.04 -32.23
CA ARG A 99 16.94 -11.31 -32.82
C ARG A 99 18.02 -10.53 -32.10
N ALA A 100 19.20 -11.11 -32.01
CA ALA A 100 20.35 -10.53 -31.33
C ALA A 100 21.39 -10.03 -32.34
N PHE A 101 22.03 -8.93 -31.99
CA PHE A 101 23.04 -8.32 -32.84
C PHE A 101 24.27 -8.01 -32.01
N ARG A 102 25.43 -8.43 -32.50
CA ARG A 102 26.68 -8.26 -31.77
C ARG A 102 27.29 -6.89 -32.01
N VAL A 103 27.63 -6.21 -30.92
CA VAL A 103 28.31 -4.93 -30.97
C VAL A 103 29.82 -5.18 -30.95
N PRO A 104 30.54 -4.74 -31.99
CA PRO A 104 31.98 -5.02 -32.05
C PRO A 104 32.75 -4.44 -30.88
N SER A 105 33.85 -5.10 -30.52
CA SER A 105 34.74 -4.64 -29.46
C SER A 105 35.35 -3.27 -29.77
N SER A 106 35.30 -2.84 -31.03
CA SER A 106 35.76 -1.51 -31.43
C SER A 106 34.93 -0.35 -30.84
N VAL A 107 33.70 -0.64 -30.41
CA VAL A 107 32.80 0.42 -29.92
C VAL A 107 33.11 0.85 -28.47
N ASP A 108 33.16 2.16 -28.26
CA ASP A 108 33.33 2.73 -26.93
C ASP A 108 31.93 2.90 -26.34
N VAL A 109 31.47 1.87 -25.63
CA VAL A 109 30.09 1.83 -25.15
C VAL A 109 29.78 2.97 -24.18
N ALA A 110 30.69 3.22 -23.24
CA ALA A 110 30.53 4.30 -22.27
C ALA A 110 30.26 5.63 -22.96
N SER A 111 30.99 5.88 -24.06
CA SER A 111 30.79 7.12 -24.80
C SER A 111 29.48 7.10 -25.57
N LEU A 112 29.17 5.96 -26.20
CA LEU A 112 27.97 5.90 -27.04
C LEU A 112 26.68 6.09 -26.23
N VAL A 113 26.61 5.56 -25.00
CA VAL A 113 25.35 5.63 -24.25
C VAL A 113 25.01 7.07 -23.82
N LYS A 114 25.96 7.99 -23.96
CA LYS A 114 25.72 9.41 -23.73
C LYS A 114 25.19 10.14 -24.96
N CYS A 115 25.10 9.45 -26.09
CA CYS A 115 24.72 10.07 -27.34
C CYS A 115 23.28 9.80 -27.71
N GLN A 116 22.81 10.52 -28.72
CA GLN A 116 21.63 10.12 -29.44
C GLN A 116 22.03 8.88 -30.24
N LEU A 117 21.25 7.81 -30.09
CA LEU A 117 21.50 6.53 -30.80
C LEU A 117 20.31 6.06 -31.59
N VAL A 118 20.57 5.55 -32.80
CA VAL A 118 19.56 4.74 -33.48
C VAL A 118 20.22 3.52 -34.12
N VAL A 119 19.41 2.51 -34.34
CA VAL A 119 19.79 1.42 -35.22
C VAL A 119 18.91 1.53 -36.46
N ALA A 120 19.42 1.07 -37.60
CA ALA A 120 18.67 1.13 -38.84
C ALA A 120 19.03 -0.03 -39.73
N SER A 121 18.05 -0.44 -40.53
CA SER A 121 18.27 -1.36 -41.65
C SER A 121 17.60 -0.79 -42.90
N VAL A 129 13.34 1.71 -45.47
CA VAL A 129 14.20 1.62 -44.30
C VAL A 129 13.38 1.44 -43.02
N ASP A 130 14.08 1.06 -41.96
CA ASP A 130 13.50 0.87 -40.63
C ASP A 130 14.52 1.49 -39.69
N VAL A 131 14.08 2.49 -38.94
CA VAL A 131 14.96 3.23 -38.04
C VAL A 131 14.29 3.29 -36.67
N THR A 132 15.05 3.04 -35.62
CA THR A 132 14.48 3.14 -34.26
C THR A 132 15.58 3.38 -33.24
N GLY A 133 15.18 3.97 -32.12
CA GLY A 133 16.07 4.19 -30.99
C GLY A 133 16.32 2.93 -30.17
N LEU A 134 17.14 3.10 -29.13
CA LEU A 134 17.58 2.00 -28.29
C LEU A 134 17.15 2.22 -26.83
N GLN A 135 16.53 1.20 -26.24
CA GLN A 135 16.25 1.18 -24.80
C GLN A 135 17.48 0.63 -24.05
N LEU A 136 18.10 1.48 -23.24
CA LEU A 136 19.41 1.23 -22.66
C LEU A 136 19.51 0.54 -21.28
N PRO A 137 18.38 0.31 -20.54
CA PRO A 137 18.63 -0.21 -19.19
C PRO A 137 19.52 -1.45 -19.06
N GLY A 138 19.39 -2.40 -19.96
CA GLY A 138 20.17 -3.62 -19.86
C GLY A 138 21.67 -3.34 -19.85
N VAL A 139 22.13 -2.57 -20.83
CA VAL A 139 23.55 -2.27 -20.94
C VAL A 139 24.01 -1.36 -19.80
N LEU A 140 23.14 -0.44 -19.37
CA LEU A 140 23.48 0.41 -18.23
C LEU A 140 23.72 -0.39 -16.96
N ASP A 141 22.89 -1.39 -16.71
CA ASP A 141 23.13 -2.28 -15.55
C ASP A 141 24.38 -3.14 -15.77
N ASP A 142 24.52 -3.67 -16.97
CA ASP A 142 25.63 -4.56 -17.29
C ASP A 142 26.97 -3.87 -17.05
N MET A 143 27.05 -2.61 -17.47
CA MET A 143 28.28 -1.84 -17.38
C MET A 143 28.46 -0.98 -16.12
N PHE A 144 27.35 -0.49 -15.56
CA PHE A 144 27.42 0.56 -14.53
C PHE A 144 26.67 0.27 -13.23
N ALA A 145 26.18 -0.94 -13.01
CA ALA A 145 25.57 -1.27 -11.74
C ALA A 145 26.56 -0.88 -10.66
N TYR A 146 26.08 -0.16 -9.65
CA TYR A 146 26.96 0.46 -8.69
C TYR A 146 26.44 0.29 -7.26
N THR A 147 27.36 -0.11 -6.39
CA THR A 147 27.03 -0.39 -4.99
C THR A 147 27.71 0.53 -3.98
N GLY A 148 28.49 1.49 -4.48
CA GLY A 148 29.17 2.47 -3.62
C GLY A 148 28.25 3.57 -3.15
N PRO A 149 28.81 4.54 -2.42
CA PRO A 149 27.99 5.58 -1.83
C PRO A 149 27.24 6.44 -2.84
N LEU A 150 25.99 6.78 -2.51
CA LEU A 150 25.17 7.71 -3.29
C LEU A 150 24.56 8.75 -2.39
N GLY A 151 24.29 9.92 -2.96
CA GLY A 151 23.80 11.05 -2.19
C GLY A 151 24.94 11.76 -1.51
N ALA A 152 24.64 12.37 -0.36
CA ALA A 152 25.59 13.16 0.41
C ALA A 152 26.24 12.30 1.49
N VAL A 153 27.56 12.37 1.58
CA VAL A 153 28.31 11.67 2.61
C VAL A 153 29.11 12.71 3.39
N PHE A 154 28.93 12.69 4.71
CA PHE A 154 29.58 13.62 5.63
C PHE A 154 30.74 12.95 6.34
N SER A 155 31.85 13.67 6.45
CA SER A 155 32.98 13.29 7.31
C SER A 155 33.37 14.52 8.14
N GLU A 156 34.30 14.36 9.08
CA GLU A 156 34.62 15.48 9.97
C GLU A 156 35.03 16.77 9.24
N ASP A 157 35.74 16.62 8.12
CA ASP A 157 36.31 17.74 7.37
C ASP A 157 35.75 17.92 5.95
N SER A 158 34.70 17.19 5.59
CA SER A 158 34.22 17.24 4.21
C SER A 158 32.79 16.80 4.02
N VAL A 159 32.25 17.18 2.87
CA VAL A 159 30.98 16.70 2.39
C VAL A 159 31.20 16.30 0.94
N SER A 160 30.77 15.09 0.59
CA SER A 160 30.84 14.65 -0.79
CA SER A 160 30.84 14.61 -0.78
C SER A 160 29.44 14.35 -1.33
N LEU A 161 29.29 14.55 -2.64
CA LEU A 161 28.04 14.28 -3.35
C LEU A 161 28.33 13.22 -4.42
N HIS A 162 27.43 12.25 -4.56
CA HIS A 162 27.54 11.19 -5.57
C HIS A 162 26.21 10.98 -6.26
N LEU A 163 26.24 11.01 -7.59
CA LEU A 163 25.05 10.84 -8.42
C LEU A 163 25.29 9.83 -9.52
N TRP A 164 24.44 8.81 -9.59
CA TRP A 164 24.51 7.82 -10.68
C TRP A 164 23.81 8.38 -11.91
N ALA A 165 24.59 8.65 -12.96
CA ALA A 165 24.05 9.24 -14.19
C ALA A 165 24.93 8.85 -15.37
N PRO A 166 24.92 7.56 -15.71
CA PRO A 166 25.89 7.11 -16.71
C PRO A 166 25.64 7.61 -18.13
N THR A 167 24.42 8.05 -18.43
CA THR A 167 24.13 8.58 -19.77
C THR A 167 24.34 10.10 -19.87
N ALA A 168 24.58 10.77 -18.74
CA ALA A 168 24.80 12.22 -18.74
C ALA A 168 26.12 12.60 -19.41
N GLN A 169 26.10 13.72 -20.13
CA GLN A 169 27.33 14.27 -20.71
C GLN A 169 28.09 15.15 -19.71
N GLY A 170 27.35 15.69 -18.75
CA GLY A 170 27.96 16.55 -17.74
C GLY A 170 27.04 16.67 -16.53
N VAL A 171 27.64 16.82 -15.34
CA VAL A 171 26.90 17.07 -14.11
C VAL A 171 27.69 18.08 -13.29
N SER A 172 26.99 19.13 -12.85
CA SER A 172 27.51 20.08 -11.89
C SER A 172 26.49 20.21 -10.76
N VAL A 173 26.94 20.79 -9.66
CA VAL A 173 26.05 21.10 -8.55
C VAL A 173 25.96 22.62 -8.41
N CYS A 174 24.73 23.12 -8.30
N CYS A 174 24.74 23.12 -8.24
CA CYS A 174 24.43 24.52 -8.02
CA CYS A 174 24.50 24.54 -8.03
C CYS A 174 24.08 24.65 -6.55
C CYS A 174 24.04 24.74 -6.59
N PHE A 175 24.83 25.51 -5.84
CA PHE A 175 24.57 25.78 -4.42
C PHE A 175 23.88 27.12 -4.24
N PHE A 176 22.97 27.13 -3.28
CA PHE A 176 22.24 28.30 -2.85
C PHE A 176 22.41 28.39 -1.32
N ASP A 177 22.54 29.61 -0.81
CA ASP A 177 22.33 29.86 0.61
C ASP A 177 20.83 30.11 0.74
N GLY A 178 20.17 29.16 1.35
CA GLY A 178 18.79 29.34 1.66
C GLY A 178 17.87 28.75 0.62
N PRO A 179 16.62 28.56 1.04
CA PRO A 179 15.60 28.00 0.18
C PRO A 179 15.14 28.93 -0.92
N ALA A 180 15.38 30.24 -0.78
CA ALA A 180 14.91 31.20 -1.77
C ALA A 180 16.00 32.07 -2.42
N GLY A 181 17.23 32.05 -1.90
CA GLY A 181 18.27 32.92 -2.43
C GLY A 181 18.79 32.52 -3.81
N PRO A 182 19.59 33.41 -4.42
CA PRO A 182 20.21 33.18 -5.73
C PRO A 182 21.33 32.15 -5.64
N ALA A 183 21.72 31.62 -6.79
CA ALA A 183 22.86 30.73 -6.86
C ALA A 183 24.10 31.41 -6.31
N LEU A 184 24.86 30.71 -5.48
CA LEU A 184 26.11 31.28 -4.96
C LEU A 184 27.34 30.76 -5.68
N GLU A 185 27.24 29.55 -6.20
CA GLU A 185 28.40 28.87 -6.74
C GLU A 185 27.94 27.61 -7.48
N THR A 186 28.61 27.32 -8.59
CA THR A 186 28.40 26.06 -9.31
CA THR A 186 28.42 26.05 -9.29
C THR A 186 29.75 25.32 -9.32
N VAL A 187 29.69 24.02 -9.03
CA VAL A 187 30.90 23.20 -8.98
C VAL A 187 30.72 21.99 -9.88
N GLN A 188 31.75 21.69 -10.66
CA GLN A 188 31.72 20.55 -11.57
C GLN A 188 31.93 19.23 -10.81
N LEU A 189 31.15 18.22 -11.18
CA LEU A 189 31.38 16.86 -10.71
C LEU A 189 32.19 16.12 -11.77
N LYS A 190 32.89 15.09 -11.34
CA LYS A 190 33.72 14.26 -12.22
C LYS A 190 33.20 12.84 -12.18
N GLU A 191 33.12 12.23 -13.37
CA GLU A 191 32.55 10.90 -13.52
C GLU A 191 33.59 9.79 -13.40
N SER A 192 33.24 8.76 -12.64
CA SER A 192 33.95 7.50 -12.66
CA SER A 192 33.96 7.49 -12.59
C SER A 192 32.94 6.35 -12.61
N ASN A 193 33.06 5.44 -13.58
CA ASN A 193 32.17 4.28 -13.68
C ASN A 193 30.69 4.65 -13.57
N GLY A 194 30.27 5.68 -14.31
CA GLY A 194 28.86 6.05 -14.34
C GLY A 194 28.39 6.98 -13.22
N VAL A 195 29.27 7.24 -12.24
CA VAL A 195 28.90 7.96 -11.04
C VAL A 195 29.67 9.26 -10.99
N TRP A 196 28.93 10.35 -10.83
CA TRP A 196 29.48 11.68 -10.78
C TRP A 196 29.67 12.08 -9.32
N SER A 197 30.85 12.60 -8.97
CA SER A 197 31.12 12.95 -7.59
CA SER A 197 31.19 12.90 -7.58
C SER A 197 31.97 14.21 -7.46
N VAL A 198 31.86 14.82 -6.29
CA VAL A 198 32.70 15.94 -5.93
C VAL A 198 32.79 15.97 -4.41
N THR A 199 33.93 16.41 -3.90
CA THR A 199 34.11 16.56 -2.47
C THR A 199 34.39 18.01 -2.15
N GLY A 200 33.73 18.52 -1.11
CA GLY A 200 33.91 19.90 -0.67
C GLY A 200 34.13 19.97 0.83
N PRO A 201 34.29 21.19 1.37
CA PRO A 201 34.55 21.35 2.79
C PRO A 201 33.32 21.07 3.63
N ARG A 202 33.50 20.88 4.94
CA ARG A 202 32.39 20.64 5.85
C ARG A 202 31.34 21.76 5.79
N GLU A 203 31.78 22.98 5.45
CA GLU A 203 30.91 24.15 5.42
C GLU A 203 29.81 24.07 4.33
N TRP A 204 29.92 23.13 3.41
CA TRP A 204 28.81 22.80 2.52
C TRP A 204 27.55 22.33 3.26
N GLU A 205 27.73 21.81 4.48
CA GLU A 205 26.59 21.37 5.29
C GLU A 205 25.54 22.47 5.41
N ASN A 206 24.29 22.06 5.22
CA ASN A 206 23.10 22.90 5.33
C ASN A 206 22.91 23.90 4.19
N ARG A 207 23.75 23.84 3.17
CA ARG A 207 23.42 24.52 1.92
C ARG A 207 22.24 23.84 1.24
N TYR A 208 21.58 24.58 0.36
CA TYR A 208 20.60 24.01 -0.55
C TYR A 208 21.27 23.82 -1.91
N TYR A 209 20.83 22.82 -2.66
CA TYR A 209 21.46 22.55 -3.95
C TYR A 209 20.51 21.88 -4.93
N LEU A 210 20.91 21.98 -6.21
CA LEU A 210 20.36 21.19 -7.30
C LEU A 210 21.51 20.72 -8.17
N TYR A 211 21.28 19.61 -8.89
CA TYR A 211 22.21 19.16 -9.91
C TYR A 211 21.83 19.75 -11.26
N GLU A 212 22.84 20.14 -12.04
CA GLU A 212 22.66 20.52 -13.43
C GLU A 212 23.17 19.35 -14.27
N VAL A 213 22.25 18.66 -14.92
CA VAL A 213 22.54 17.42 -15.61
C VAL A 213 22.28 17.66 -17.10
N ASP A 214 23.32 17.55 -17.92
CA ASP A 214 23.19 17.62 -19.37
C ASP A 214 23.02 16.20 -19.85
N VAL A 215 21.88 15.89 -20.45
CA VAL A 215 21.58 14.51 -20.82
C VAL A 215 20.56 14.41 -21.96
N TYR A 216 20.75 13.40 -22.82
CA TYR A 216 19.85 13.13 -23.91
C TYR A 216 18.50 12.60 -23.44
N HIS A 217 17.46 13.36 -23.76
CA HIS A 217 16.08 13.03 -23.45
C HIS A 217 15.35 12.51 -24.69
N PRO A 218 15.04 11.21 -24.72
CA PRO A 218 14.38 10.65 -25.90
C PRO A 218 13.06 11.32 -26.28
N THR A 219 12.30 11.79 -25.29
CA THR A 219 10.98 12.38 -25.56
C THR A 219 11.08 13.70 -26.32
N LYS A 220 12.26 14.32 -26.26
CA LYS A 220 12.52 15.57 -26.97
C LYS A 220 13.56 15.44 -28.07
N ALA A 221 14.21 14.27 -28.18
CA ALA A 221 15.30 14.04 -29.15
C ALA A 221 16.37 15.13 -29.13
N GLN A 222 16.72 15.54 -27.91
CA GLN A 222 17.67 16.63 -27.67
C GLN A 222 18.44 16.35 -26.39
N VAL A 223 19.68 16.84 -26.35
CA VAL A 223 20.46 16.90 -25.12
C VAL A 223 20.01 18.17 -24.38
N LEU A 224 19.49 18.00 -23.16
CA LEU A 224 18.95 19.11 -22.38
C LEU A 224 19.70 19.30 -21.07
N LYS A 225 19.80 20.55 -20.62
CA LYS A 225 20.35 20.86 -19.31
C LYS A 225 19.20 20.86 -18.32
N CYS A 226 19.14 19.83 -17.49
CA CYS A 226 18.07 19.62 -16.54
C CYS A 226 18.53 19.99 -15.13
N LEU A 227 17.64 20.61 -14.38
CA LEU A 227 17.92 21.02 -13.01
C LEU A 227 17.14 20.11 -12.08
N ALA A 228 17.85 19.23 -11.36
CA ALA A 228 17.22 18.13 -10.67
C ALA A 228 17.65 17.99 -9.20
N GLY A 229 16.70 17.58 -8.37
CA GLY A 229 17.00 17.20 -6.99
C GLY A 229 17.81 15.92 -6.92
N ASP A 230 18.20 15.57 -5.72
CA ASP A 230 18.98 14.36 -5.47
C ASP A 230 18.02 13.19 -5.21
N PRO A 231 18.14 12.10 -5.99
CA PRO A 231 17.32 10.92 -5.68
C PRO A 231 17.50 10.41 -4.24
N TYR A 232 18.68 10.65 -3.68
CA TYR A 232 19.03 10.26 -2.31
C TYR A 232 18.82 11.38 -1.29
N ALA A 233 18.01 12.36 -1.64
CA ALA A 233 17.72 13.46 -0.73
C ALA A 233 17.21 12.93 0.59
N ARG A 234 17.60 13.63 1.66
CA ARG A 234 17.03 13.41 2.99
C ARG A 234 16.23 14.60 3.51
N SER A 235 16.39 15.75 2.89
CA SER A 235 15.43 16.84 3.12
C SER A 235 15.42 17.76 1.92
N LEU A 236 14.41 18.62 1.90
CA LEU A 236 14.07 19.47 0.77
C LEU A 236 13.54 20.81 1.26
N SER A 237 13.64 21.83 0.41
CA SER A 237 12.88 23.06 0.65
C SER A 237 11.43 22.79 0.24
N ALA A 238 10.58 23.79 0.42
CA ALA A 238 9.17 23.66 0.04
C ALA A 238 9.02 23.12 -1.38
N ASN A 239 8.16 22.11 -1.53
CA ASN A 239 7.83 21.47 -2.79
C ASN A 239 9.00 20.79 -3.46
N GLY A 240 10.07 20.54 -2.71
CA GLY A 240 11.23 19.90 -3.28
C GLY A 240 11.97 20.77 -4.29
N ALA A 241 11.75 22.08 -4.25
CA ALA A 241 12.39 22.95 -5.24
C ALA A 241 13.93 22.87 -5.20
N ARG A 242 14.48 22.68 -4.01
CA ARG A 242 15.91 22.48 -3.78
C ARG A 242 16.11 21.39 -2.76
N THR A 243 17.28 20.75 -2.80
CA THR A 243 17.66 19.71 -1.87
C THR A 243 18.44 20.35 -0.73
N TRP A 244 18.11 19.99 0.51
CA TRP A 244 18.82 20.53 1.68
C TRP A 244 19.93 19.56 2.02
N LEU A 245 21.16 20.06 2.04
CA LEU A 245 22.34 19.24 2.31
C LEU A 245 22.54 19.03 3.84
N VAL A 246 21.58 18.34 4.44
CA VAL A 246 21.52 18.12 5.88
C VAL A 246 22.24 16.83 6.23
N ASP A 247 22.89 16.80 7.38
CA ASP A 247 23.43 15.56 7.94
C ASP A 247 22.33 14.91 8.78
N ILE A 248 21.76 13.82 8.26
CA ILE A 248 20.63 13.15 8.90
C ILE A 248 20.95 12.63 10.30
N ASN A 249 22.24 12.50 10.62
CA ASN A 249 22.67 12.07 11.96
C ASN A 249 22.93 13.20 12.95
N ASN A 250 22.69 14.45 12.52
CA ASN A 250 22.90 15.59 13.40
C ASN A 250 22.04 15.49 14.67
N GLU A 251 22.66 15.73 15.83
CA GLU A 251 21.98 15.58 17.12
C GLU A 251 20.75 16.49 17.27
N THR A 252 20.77 17.66 16.64
CA THR A 252 19.66 18.61 16.76
C THR A 252 18.39 18.14 16.04
N LEU A 253 18.53 17.13 15.18
CA LEU A 253 17.38 16.56 14.51
C LEU A 253 16.69 15.46 15.31
N LYS A 254 17.23 15.13 16.48
CA LYS A 254 16.69 14.06 17.32
C LYS A 254 15.78 14.59 18.40
N PRO A 255 14.56 14.06 18.50
CA PRO A 255 13.74 14.34 19.68
C PRO A 255 14.45 13.88 20.94
N ALA A 256 14.05 14.42 22.07
CA ALA A 256 14.54 13.96 23.36
C ALA A 256 14.34 12.46 23.47
N SER A 257 15.40 11.75 23.86
CA SER A 257 15.40 10.30 24.09
C SER A 257 15.29 9.46 22.81
N TRP A 258 15.52 10.08 21.66
CA TRP A 258 15.38 9.38 20.38
C TRP A 258 16.22 8.11 20.31
N ASP A 259 17.48 8.19 20.73
CA ASP A 259 18.36 7.02 20.62
C ASP A 259 17.94 5.86 21.56
N GLU A 260 17.11 6.17 22.56
CA GLU A 260 16.55 5.17 23.47
C GLU A 260 15.22 4.56 22.98
N LEU A 261 14.75 4.96 21.80
CA LEU A 261 13.40 4.55 21.36
C LEU A 261 13.23 3.02 21.21
N ALA A 262 14.26 2.33 20.76
CA ALA A 262 14.16 0.86 20.65
C ALA A 262 13.71 0.20 21.97
N ASP A 263 14.20 0.72 23.09
CA ASP A 263 13.86 0.19 24.42
C ASP A 263 12.42 0.51 24.83
N GLU A 264 11.87 1.58 24.29
CA GLU A 264 10.49 2.01 24.59
C GLU A 264 9.48 1.45 23.61
N LYS A 265 9.93 0.81 22.54
CA LYS A 265 8.99 0.31 21.55
C LYS A 265 8.11 -0.79 22.12
N PRO A 266 6.82 -0.81 21.72
CA PRO A 266 5.91 -1.85 22.14
C PRO A 266 6.45 -3.22 21.78
N LYS A 267 6.39 -4.15 22.72
CA LYS A 267 6.79 -5.52 22.47
C LYS A 267 5.98 -6.14 21.34
N LEU A 268 6.65 -6.88 20.48
CA LEU A 268 6.00 -7.67 19.44
C LEU A 268 6.63 -9.06 19.43
N ASP A 269 5.93 -10.02 20.03
CA ASP A 269 6.48 -11.37 20.17
C ASP A 269 6.47 -12.14 18.86
N SER A 270 5.48 -11.86 18.03
CA SER A 270 5.26 -12.59 16.78
C SER A 270 4.51 -11.70 15.81
N PHE A 271 4.77 -11.86 14.52
CA PHE A 271 3.91 -11.20 13.53
C PHE A 271 2.45 -11.65 13.62
N SER A 272 2.22 -12.85 14.17
CA SER A 272 0.85 -13.33 14.36
C SER A 272 0.04 -12.47 15.34
N ASP A 273 0.71 -11.60 16.10
CA ASP A 273 0.01 -10.74 17.04
C ASP A 273 -0.40 -9.39 16.45
N ILE A 274 -0.14 -9.17 15.16
CA ILE A 274 -0.39 -7.88 14.50
C ILE A 274 -1.86 -7.64 14.21
N THR A 275 -2.34 -6.44 14.58
CA THR A 275 -3.56 -5.87 14.02
C THR A 275 -3.20 -4.49 13.47
N ILE A 276 -3.83 -4.11 12.35
CA ILE A 276 -3.47 -2.90 11.62
C ILE A 276 -4.67 -1.94 11.52
N TYR A 277 -4.38 -0.65 11.76
CA TYR A 277 -5.37 0.42 11.64
C TYR A 277 -4.84 1.43 10.62
N GLU A 278 -5.57 1.62 9.52
CA GLU A 278 -5.10 2.43 8.40
C GLU A 278 -5.64 3.86 8.44
N LEU A 279 -4.73 4.82 8.55
CA LEU A 279 -5.04 6.21 8.86
C LEU A 279 -4.30 7.19 7.95
N HIS A 280 -5.00 8.23 7.50
CA HIS A 280 -4.40 9.34 6.78
C HIS A 280 -4.04 10.46 7.78
N ILE A 281 -2.83 11.00 7.65
CA ILE A 281 -2.28 11.97 8.63
C ILE A 281 -3.16 13.22 8.68
N ARG A 282 -3.63 13.71 7.53
CA ARG A 282 -4.47 14.90 7.58
C ARG A 282 -5.84 14.58 8.16
N ASP A 283 -6.47 13.49 7.73
CA ASP A 283 -7.76 13.10 8.28
C ASP A 283 -7.73 13.04 9.80
N PHE A 284 -6.63 12.56 10.34
CA PHE A 284 -6.52 12.36 11.79
C PHE A 284 -6.86 13.59 12.58
N SER A 285 -6.37 14.75 12.16
CA SER A 285 -6.47 15.96 12.99
C SER A 285 -7.04 17.21 12.32
N ALA A 286 -7.40 17.15 11.04
CA ALA A 286 -7.90 18.32 10.33
C ALA A 286 -9.12 18.96 11.00
N HIS A 287 -9.95 18.13 11.63
CA HIS A 287 -11.19 18.56 12.26
C HIS A 287 -11.10 18.55 13.78
N ASP A 288 -9.92 18.28 14.34
CA ASP A 288 -9.82 18.00 15.78
C ASP A 288 -9.58 19.27 16.54
N GLY A 289 -10.65 19.81 17.13
CA GLY A 289 -10.63 21.08 17.88
C GLY A 289 -9.81 21.07 19.14
N THR A 290 -9.48 19.88 19.64
CA THR A 290 -8.62 19.74 20.81
C THR A 290 -7.14 19.90 20.46
N VAL A 291 -6.81 19.96 19.17
CA VAL A 291 -5.45 20.24 18.70
C VAL A 291 -5.40 21.71 18.31
N ASP A 292 -4.35 22.41 18.73
CA ASP A 292 -4.15 23.81 18.35
C ASP A 292 -4.33 24.00 16.83
N SER A 293 -5.09 25.04 16.47
CA SER A 293 -5.34 25.44 15.07
C SER A 293 -4.15 25.23 14.15
N ASP A 294 -3.03 25.86 14.51
CA ASP A 294 -1.85 25.89 13.67
C ASP A 294 -1.17 24.53 13.51
N SER A 295 -1.55 23.57 14.36
CA SER A 295 -0.94 22.24 14.38
C SER A 295 -1.86 21.14 13.87
N ARG A 296 -2.98 21.50 13.26
CA ARG A 296 -3.90 20.51 12.70
C ARG A 296 -3.44 20.09 11.31
N GLY A 297 -3.54 18.80 11.05
CA GLY A 297 -3.36 18.25 9.72
C GLY A 297 -2.05 17.57 9.40
N GLY A 298 -1.08 17.61 10.31
CA GLY A 298 0.27 17.13 10.03
C GLY A 298 0.90 16.31 11.14
N PHE A 299 2.22 16.21 11.08
CA PHE A 299 2.97 15.36 12.02
C PHE A 299 2.82 15.80 13.48
N ARG A 300 2.85 17.10 13.71
CA ARG A 300 2.79 17.65 15.06
C ARG A 300 1.54 17.27 15.83
N ALA A 301 0.44 17.00 15.14
CA ALA A 301 -0.80 16.65 15.79
C ALA A 301 -0.67 15.40 16.65
N PHE A 302 0.27 14.53 16.32
CA PHE A 302 0.46 13.28 17.05
C PHE A 302 1.20 13.51 18.38
N ALA A 303 1.80 14.68 18.55
CA ALA A 303 2.51 15.02 19.79
C ALA A 303 1.55 15.49 20.91
N TYR A 304 0.27 15.66 20.57
CA TYR A 304 -0.77 16.10 21.51
C TYR A 304 -1.42 14.87 22.17
N GLN A 305 -0.72 14.29 23.15
CA GLN A 305 -1.16 13.04 23.81
C GLN A 305 -2.57 13.06 24.38
N ALA A 306 -2.98 14.24 24.87
CA ALA A 306 -4.31 14.41 25.44
C ALA A 306 -5.42 14.83 24.46
N SER A 307 -5.10 14.89 23.17
CA SER A 307 -6.08 15.25 22.16
C SER A 307 -7.14 14.17 22.03
N ALA A 308 -8.30 14.52 21.49
CA ALA A 308 -9.33 13.55 21.23
C ALA A 308 -8.82 12.42 20.32
N GLY A 309 -8.07 12.77 19.28
CA GLY A 309 -7.50 11.78 18.36
C GLY A 309 -6.53 10.83 19.02
N MET A 310 -5.61 11.37 19.84
CA MET A 310 -4.63 10.51 20.48
C MET A 310 -5.26 9.67 21.58
N GLU A 311 -6.27 10.21 22.27
CA GLU A 311 -7.00 9.42 23.26
C GLU A 311 -7.74 8.27 22.58
N HIS A 312 -8.25 8.53 21.38
CA HIS A 312 -8.94 7.49 20.62
C HIS A 312 -7.96 6.36 20.25
N LEU A 313 -6.79 6.73 19.71
CA LEU A 313 -5.78 5.73 19.39
C LEU A 313 -5.31 4.96 20.62
N ARG A 314 -5.16 5.65 21.74
CA ARG A 314 -4.76 4.97 22.98
C ARG A 314 -5.83 3.97 23.44
N LYS A 315 -7.10 4.33 23.27
CA LYS A 315 -8.20 3.43 23.61
C LYS A 315 -8.09 2.15 22.77
N LEU A 316 -7.85 2.31 21.48
CA LEU A 316 -7.70 1.15 20.60
C LEU A 316 -6.47 0.34 20.95
N SER A 317 -5.36 1.02 21.19
CA SER A 317 -4.13 0.36 21.58
C SER A 317 -4.28 -0.45 22.87
N ASP A 318 -4.97 0.14 23.85
CA ASP A 318 -5.21 -0.53 25.13
C ASP A 318 -6.02 -1.81 24.93
N ALA A 319 -6.96 -1.76 23.98
CA ALA A 319 -7.80 -2.92 23.64
C ALA A 319 -7.01 -4.03 22.95
N GLY A 320 -5.87 -3.67 22.36
CA GLY A 320 -5.01 -4.65 21.72
C GLY A 320 -4.47 -4.29 20.33
N LEU A 321 -4.97 -3.20 19.74
CA LEU A 321 -4.45 -2.79 18.42
C LEU A 321 -2.93 -2.62 18.52
N THR A 322 -2.19 -3.13 17.55
CA THR A 322 -0.74 -3.05 17.57
C THR A 322 -0.07 -2.08 16.62
N HIS A 323 -0.63 -1.90 15.42
CA HIS A 323 0.01 -1.13 14.38
C HIS A 323 -0.90 -0.09 13.75
N VAL A 324 -0.32 1.07 13.45
CA VAL A 324 -1.01 2.09 12.67
CA VAL A 324 -1.00 2.10 12.66
C VAL A 324 -0.26 2.25 11.34
N HIS A 325 -0.99 2.08 10.26
CA HIS A 325 -0.49 2.24 8.90
C HIS A 325 -0.90 3.65 8.48
N LEU A 326 0.10 4.48 8.19
CA LEU A 326 -0.11 5.86 7.77
C LEU A 326 -0.03 5.93 6.26
N LEU A 327 -1.01 6.61 5.65
CA LEU A 327 -0.98 6.84 4.23
C LEU A 327 0.26 7.64 3.83
N PRO A 328 0.59 7.72 2.53
CA PRO A 328 1.87 8.24 2.07
C PRO A 328 2.33 9.51 2.77
N SER A 329 3.57 9.48 3.26
CA SER A 329 4.09 10.56 4.11
C SER A 329 5.48 11.05 3.69
N PHE A 330 5.92 10.60 2.51
CA PHE A 330 7.16 11.03 1.89
C PHE A 330 6.81 12.18 0.92
N HIS A 331 7.78 12.65 0.15
CA HIS A 331 7.58 13.79 -0.74
C HIS A 331 6.78 13.39 -1.99
N PHE A 332 5.48 13.69 -1.93
CA PHE A 332 4.55 13.46 -3.04
C PHE A 332 4.01 14.77 -3.59
N ALA A 333 3.57 14.71 -4.85
CA ALA A 333 2.93 15.84 -5.51
C ALA A 333 1.43 15.86 -5.24
N GLY A 334 0.82 17.02 -5.47
CA GLY A 334 -0.64 17.17 -5.42
C GLY A 334 -1.12 17.99 -4.23
N VAL A 335 -0.19 18.32 -3.34
CA VAL A 335 -0.44 19.28 -2.26
C VAL A 335 0.74 20.22 -2.21
N ASP A 336 0.44 21.52 -2.17
CA ASP A 336 1.48 22.52 -2.10
C ASP A 336 1.99 22.56 -0.65
N ASP A 337 3.30 22.54 -0.48
CA ASP A 337 3.91 22.65 0.85
C ASP A 337 3.79 24.06 1.41
N ILE A 338 3.47 25.04 0.55
CA ILE A 338 3.36 26.43 0.93
C ILE A 338 1.92 26.69 1.38
N LYS A 339 1.72 26.74 2.69
CA LYS A 339 0.38 26.78 3.26
C LYS A 339 -0.40 28.04 2.92
N SER A 340 0.31 29.14 2.64
CA SER A 340 -0.37 30.38 2.21
C SER A 340 -1.11 30.23 0.87
N ASN A 341 -0.84 29.16 0.13
CA ASN A 341 -1.58 28.89 -1.12
C ASN A 341 -2.80 27.98 -0.95
N TRP A 342 -3.01 27.47 0.25
CA TRP A 342 -4.11 26.56 0.50
C TRP A 342 -5.46 27.26 0.43
N LYS A 343 -6.43 26.58 -0.18
CA LYS A 343 -7.80 27.04 -0.29
C LYS A 343 -8.73 26.12 0.48
N PHE A 344 -9.86 26.69 0.89
CA PHE A 344 -10.83 26.04 1.76
C PHE A 344 -12.26 26.36 1.32
N VAL A 345 -13.16 25.37 1.38
CA VAL A 345 -14.59 25.64 1.22
C VAL A 345 -15.12 26.40 2.43
N ASP A 346 -16.27 27.04 2.26
CA ASP A 346 -16.98 27.62 3.41
C ASP A 346 -17.80 26.50 4.04
N GLU A 347 -17.27 25.93 5.12
CA GLU A 347 -17.89 24.77 5.78
C GLU A 347 -19.28 25.09 6.31
N CYS A 348 -19.46 26.32 6.79
CA CYS A 348 -20.76 26.75 7.31
C CYS A 348 -21.80 26.80 6.20
N GLU A 349 -21.44 27.38 5.06
CA GLU A 349 -22.32 27.40 3.88
C GLU A 349 -22.65 25.98 3.38
N LEU A 350 -21.64 25.15 3.21
CA LEU A 350 -21.88 23.79 2.73
C LEU A 350 -22.77 22.98 3.66
N ALA A 351 -22.68 23.24 4.97
CA ALA A 351 -23.54 22.55 5.95
C ALA A 351 -25.03 22.90 5.78
N THR A 352 -25.33 23.99 5.10
CA THR A 352 -26.73 24.39 4.82
C THR A 352 -27.33 23.68 3.61
N PHE A 353 -26.50 23.07 2.76
CA PHE A 353 -27.02 22.44 1.54
C PHE A 353 -27.69 21.11 1.87
N PRO A 354 -28.67 20.68 1.05
CA PRO A 354 -29.36 19.42 1.33
C PRO A 354 -28.44 18.21 1.29
N PRO A 355 -28.77 17.15 2.07
CA PRO A 355 -27.88 15.99 2.21
C PRO A 355 -27.64 15.20 0.92
N GLY A 356 -28.57 15.29 -0.04
CA GLY A 356 -28.42 14.65 -1.35
C GLY A 356 -28.14 15.63 -2.49
N SER A 357 -27.76 16.85 -2.15
CA SER A 357 -27.42 17.87 -3.15
C SER A 357 -26.09 17.58 -3.81
N ASP A 358 -25.91 18.08 -5.03
CA ASP A 358 -24.62 18.02 -5.73
C ASP A 358 -23.79 19.29 -5.52
N MET A 359 -24.26 20.22 -4.69
CA MET A 359 -23.56 21.50 -4.54
C MET A 359 -22.29 21.38 -3.67
N GLN A 360 -22.29 20.52 -2.67
CA GLN A 360 -21.13 20.40 -1.79
C GLN A 360 -19.94 19.91 -2.62
N GLN A 361 -20.15 18.86 -3.41
CA GLN A 361 -19.06 18.31 -4.22
C GLN A 361 -18.61 19.28 -5.29
N ALA A 362 -19.53 20.08 -5.84
CA ALA A 362 -19.13 21.08 -6.81
C ALA A 362 -18.18 22.08 -6.17
N ALA A 363 -18.49 22.51 -4.95
CA ALA A 363 -17.63 23.46 -4.24
C ALA A 363 -16.26 22.88 -3.89
N VAL A 364 -16.25 21.63 -3.46
CA VAL A 364 -15.00 20.93 -3.13
C VAL A 364 -14.13 20.78 -4.37
N VAL A 365 -14.75 20.32 -5.45
CA VAL A 365 -14.03 20.05 -6.70
C VAL A 365 -13.46 21.35 -7.27
N ALA A 366 -14.16 22.46 -7.09
CA ALA A 366 -13.69 23.75 -7.63
C ALA A 366 -12.29 24.13 -7.12
N ILE A 367 -11.92 23.71 -5.92
CA ILE A 367 -10.59 24.02 -5.38
C ILE A 367 -9.77 22.80 -5.00
N GLN A 368 -10.16 21.62 -5.50
CA GLN A 368 -9.50 20.39 -5.07
C GLN A 368 -8.02 20.33 -5.48
N GLU A 369 -7.61 21.07 -6.49
CA GLU A 369 -6.18 21.09 -6.86
C GLU A 369 -5.37 22.12 -6.06
N GLU A 370 -6.04 22.90 -5.21
CA GLU A 370 -5.36 23.94 -4.42
C GLU A 370 -5.65 23.83 -2.94
N ASP A 371 -6.24 22.73 -2.49
CA ASP A 371 -6.52 22.55 -1.08
C ASP A 371 -5.36 21.79 -0.40
N PRO A 372 -5.44 21.58 0.93
CA PRO A 372 -4.35 20.87 1.61
C PRO A 372 -4.36 19.36 1.44
N TYR A 373 -5.25 18.85 0.59
CA TYR A 373 -5.67 17.44 0.67
C TYR A 373 -5.27 16.56 -0.49
N ASN A 374 -4.56 15.47 -0.19
CA ASN A 374 -4.45 14.36 -1.13
C ASN A 374 -4.02 13.12 -0.36
N TRP A 375 -4.47 11.94 -0.80
CA TRP A 375 -3.96 10.71 -0.18
C TRP A 375 -2.43 10.62 -0.31
N GLY A 376 -1.87 11.06 -1.44
CA GLY A 376 -0.43 11.14 -1.60
C GLY A 376 0.23 10.06 -2.46
N TYR A 377 -0.55 9.35 -3.28
CA TYR A 377 0.00 8.28 -4.13
C TYR A 377 0.64 8.82 -5.44
N ASN A 378 1.44 9.88 -5.30
CA ASN A 378 2.04 10.63 -6.42
C ASN A 378 3.52 10.90 -6.14
N PRO A 379 4.37 9.85 -6.23
CA PRO A 379 5.70 10.01 -5.64
C PRO A 379 6.65 10.93 -6.40
N VAL A 380 7.42 11.73 -5.67
CA VAL A 380 8.48 12.52 -6.25
C VAL A 380 9.81 12.07 -5.68
N LEU A 381 9.99 12.21 -4.37
CA LEU A 381 11.20 11.72 -3.69
C LEU A 381 10.83 10.90 -2.46
N TRP A 382 11.24 9.64 -2.49
CA TRP A 382 10.81 8.67 -1.51
C TRP A 382 11.38 8.88 -0.12
N GLY A 383 12.56 9.48 -0.03
CA GLY A 383 13.34 9.47 1.22
C GLY A 383 13.15 10.64 2.15
N VAL A 384 12.21 11.53 1.84
CA VAL A 384 12.02 12.78 2.56
C VAL A 384 10.58 12.90 3.06
N PRO A 385 10.38 13.32 4.34
CA PRO A 385 9.02 13.58 4.82
C PRO A 385 8.31 14.65 3.98
N LYS A 386 7.01 14.48 3.78
CA LYS A 386 6.19 15.48 3.08
C LYS A 386 6.17 16.82 3.83
N GLY A 387 6.55 17.88 3.12
CA GLY A 387 6.64 19.21 3.70
C GLY A 387 5.32 19.81 4.15
N SER A 388 4.22 19.49 3.46
CA SER A 388 2.91 20.04 3.82
C SER A 388 2.45 19.57 5.20
N TYR A 389 2.99 18.44 5.65
CA TYR A 389 2.67 17.90 6.98
C TYR A 389 3.59 18.42 8.09
N ALA A 390 4.60 19.21 7.71
CA ALA A 390 5.52 19.81 8.66
C ALA A 390 5.07 21.22 9.00
N SER A 391 5.52 21.71 10.14
CA SER A 391 5.20 23.09 10.56
C SER A 391 5.85 24.12 9.64
N ASP A 392 7.04 23.80 9.14
CA ASP A 392 7.78 24.71 8.26
C ASP A 392 8.48 23.84 7.21
N PRO A 393 8.11 23.99 5.93
CA PRO A 393 8.65 23.10 4.91
C PRO A 393 10.12 23.39 4.55
N ASP A 394 10.70 24.47 5.04
CA ASP A 394 12.13 24.73 4.89
C ASP A 394 12.83 24.41 6.21
N GLY A 395 14.04 23.86 6.15
CA GLY A 395 14.78 23.55 7.36
C GLY A 395 14.38 22.22 7.98
N PRO A 396 14.69 22.05 9.26
CA PRO A 396 14.66 20.73 9.91
C PRO A 396 13.31 20.20 10.42
N SER A 397 12.27 21.02 10.42
CA SER A 397 11.05 20.62 11.10
C SER A 397 10.44 19.33 10.56
N ARG A 398 10.49 19.12 9.24
CA ARG A 398 9.89 17.92 8.68
C ARG A 398 10.55 16.65 9.21
N ILE A 399 11.87 16.72 9.47
CA ILE A 399 12.60 15.58 10.02
C ILE A 399 12.26 15.36 11.50
N ILE A 400 12.43 16.36 12.33
CA ILE A 400 12.22 16.19 13.76
CA ILE A 400 12.25 16.14 13.76
C ILE A 400 10.78 15.85 14.09
N GLU A 401 9.85 16.49 13.37
CA GLU A 401 8.43 16.25 13.65
C GLU A 401 7.97 14.86 13.19
N TYR A 402 8.55 14.35 12.11
CA TYR A 402 8.26 12.97 11.72
C TYR A 402 8.71 12.02 12.82
N ARG A 403 9.94 12.21 13.28
CA ARG A 403 10.46 11.41 14.40
C ARG A 403 9.60 11.51 15.65
N GLN A 404 9.16 12.73 15.98
CA GLN A 404 8.29 12.94 17.15
C GLN A 404 6.97 12.21 17.01
N MET A 405 6.48 12.11 15.77
CA MET A 405 5.24 11.36 15.48
C MET A 405 5.42 9.86 15.75
N VAL A 406 6.51 9.28 15.20
CA VAL A 406 6.81 7.88 15.45
C VAL A 406 6.95 7.59 16.94
N GLN A 407 7.71 8.44 17.62
CA GLN A 407 7.95 8.27 19.06
C GLN A 407 6.62 8.37 19.83
N ALA A 408 5.80 9.36 19.48
CA ALA A 408 4.51 9.53 20.15
C ALA A 408 3.59 8.31 20.00
N LEU A 409 3.51 7.77 18.78
CA LEU A 409 2.69 6.60 18.55
C LEU A 409 3.26 5.38 19.30
N ASN A 410 4.58 5.21 19.26
CA ASN A 410 5.20 4.13 20.00
C ASN A 410 4.92 4.22 21.51
N ARG A 411 4.89 5.44 22.03
CA ARG A 411 4.66 5.65 23.46
C ARG A 411 3.23 5.41 23.91
N ILE A 412 2.26 5.37 22.99
CA ILE A 412 0.92 4.88 23.31
C ILE A 412 0.66 3.44 22.86
N GLY A 413 1.75 2.72 22.60
CA GLY A 413 1.69 1.28 22.35
C GLY A 413 1.47 0.87 20.93
N LEU A 414 1.68 1.80 19.99
CA LEU A 414 1.43 1.53 18.58
C LEU A 414 2.72 1.57 17.78
N ARG A 415 2.94 0.51 17.02
CA ARG A 415 4.00 0.50 16.01
C ARG A 415 3.50 1.17 14.73
N VAL A 416 4.43 1.72 13.97
CA VAL A 416 4.12 2.57 12.83
C VAL A 416 4.52 1.92 11.52
N VAL A 417 3.55 1.81 10.61
CA VAL A 417 3.74 1.29 9.26
C VAL A 417 3.64 2.45 8.27
N MET A 418 4.59 2.52 7.34
CA MET A 418 4.53 3.46 6.22
C MET A 418 3.97 2.79 4.98
N ASP A 419 3.12 3.56 4.29
CA ASP A 419 2.57 3.21 2.98
C ASP A 419 3.59 3.68 1.93
N VAL A 420 4.31 2.71 1.36
CA VAL A 420 5.39 3.02 0.43
C VAL A 420 4.92 2.74 -1.00
N VAL A 421 5.29 3.65 -1.89
CA VAL A 421 4.73 3.72 -3.24
C VAL A 421 5.89 3.69 -4.24
N TYR A 422 6.45 2.50 -4.44
CA TYR A 422 7.64 2.33 -5.28
C TYR A 422 7.34 1.95 -6.72
N ASN A 423 6.06 1.82 -7.05
CA ASN A 423 5.61 1.28 -8.32
C ASN A 423 5.44 2.32 -9.42
N HIS A 424 5.45 3.62 -9.10
CA HIS A 424 5.28 4.64 -10.12
C HIS A 424 5.71 5.99 -9.62
N LEU A 425 5.90 6.92 -10.55
CA LEU A 425 6.27 8.31 -10.23
C LEU A 425 5.18 9.27 -10.64
N ASP A 426 5.06 10.37 -9.92
CA ASP A 426 4.11 11.40 -10.30
C ASP A 426 4.33 11.91 -11.73
N SER A 427 5.60 12.15 -12.05
CA SER A 427 5.98 12.81 -13.29
C SER A 427 7.22 12.19 -13.89
N SER A 428 7.42 12.43 -15.17
CA SER A 428 8.61 12.01 -15.87
C SER A 428 9.08 13.13 -16.79
N GLY A 429 10.17 12.90 -17.51
CA GLY A 429 10.66 13.85 -18.49
C GLY A 429 11.58 14.90 -17.92
N PRO A 430 12.10 15.78 -18.79
CA PRO A 430 13.15 16.74 -18.44
C PRO A 430 12.69 18.01 -17.72
N CYS A 431 11.39 18.24 -17.65
CA CYS A 431 10.86 19.52 -17.20
C CYS A 431 10.01 19.41 -15.94
N GLY A 432 10.12 20.44 -15.11
CA GLY A 432 9.19 20.66 -14.01
C GLY A 432 9.65 20.16 -12.65
N ILE A 433 9.06 20.75 -11.63
CA ILE A 433 9.47 20.54 -10.27
C ILE A 433 9.21 19.09 -9.80
N SER A 434 8.20 18.44 -10.37
CA SER A 434 7.77 17.12 -9.87
C SER A 434 8.49 15.93 -10.50
N SER A 435 9.30 16.16 -11.54
CA SER A 435 10.10 15.10 -12.14
C SER A 435 11.51 15.17 -11.59
N VAL A 436 11.99 14.08 -10.98
CA VAL A 436 13.37 14.00 -10.51
C VAL A 436 14.12 12.84 -11.13
N LEU A 437 13.70 11.60 -10.84
CA LEU A 437 14.44 10.42 -11.29
C LEU A 437 14.59 10.39 -12.82
N ASP A 438 13.51 10.65 -13.54
CA ASP A 438 13.55 10.55 -15.00
C ASP A 438 14.22 11.76 -15.64
N LYS A 439 14.39 12.86 -14.92
CA LYS A 439 15.19 13.98 -15.43
C LYS A 439 16.65 13.60 -15.61
N ILE A 440 17.13 12.80 -14.66
CA ILE A 440 18.56 12.53 -14.50
C ILE A 440 19.04 11.37 -15.36
N VAL A 441 18.32 10.25 -15.31
CA VAL A 441 18.62 9.12 -16.18
C VAL A 441 17.35 8.77 -16.97
N PRO A 442 17.06 9.53 -18.04
CA PRO A 442 15.78 9.32 -18.69
C PRO A 442 15.60 7.89 -19.25
N GLY A 443 14.39 7.38 -19.10
CA GLY A 443 14.05 6.07 -19.68
C GLY A 443 14.61 4.87 -18.94
N TYR A 444 15.08 5.06 -17.70
CA TYR A 444 15.71 4.01 -16.90
C TYR A 444 14.90 3.63 -15.65
N TYR A 445 14.52 4.63 -14.84
CA TYR A 445 13.78 4.35 -13.60
C TYR A 445 12.33 3.96 -13.89
N VAL A 446 11.86 4.32 -15.09
CA VAL A 446 10.51 4.07 -15.55
C VAL A 446 10.48 2.87 -16.50
N ARG A 447 9.42 2.06 -16.37
CA ARG A 447 9.18 0.93 -17.28
C ARG A 447 8.59 1.44 -18.58
N ARG A 448 9.00 0.82 -19.69
CA ARG A 448 8.55 1.23 -21.02
C ARG A 448 7.98 0.05 -21.79
N ASP A 449 7.10 0.35 -22.74
CA ASP A 449 6.56 -0.69 -23.61
C ASP A 449 7.57 -1.02 -24.73
N THR A 450 7.19 -1.93 -25.62
CA THR A 450 8.12 -2.37 -26.66
C THR A 450 8.35 -1.33 -27.76
N ASN A 451 7.61 -0.21 -27.75
CA ASN A 451 7.89 0.91 -28.63
C ASN A 451 8.70 2.00 -27.94
N GLY A 452 8.97 1.82 -26.65
CA GLY A 452 9.73 2.79 -25.86
C GLY A 452 8.90 3.80 -25.10
N GLN A 453 7.57 3.72 -25.20
CA GLN A 453 6.69 4.63 -24.46
C GLN A 453 6.54 4.17 -23.02
N ILE A 454 6.56 5.14 -22.09
CA ILE A 454 6.45 4.84 -20.67
C ILE A 454 5.11 4.13 -20.37
N GLU A 455 5.18 3.07 -19.56
CA GLU A 455 4.00 2.35 -19.08
C GLU A 455 3.28 3.12 -17.97
N ASN A 456 1.96 3.13 -18.00
CA ASN A 456 1.16 3.95 -17.08
C ASN A 456 0.12 3.18 -16.27
N SER A 457 0.17 1.85 -16.28
CA SER A 457 -0.87 1.03 -15.62
C SER A 457 -1.03 1.25 -14.12
N ALA A 458 0.05 1.64 -13.46
N ALA A 458 0.02 1.71 -13.45
CA ALA A 458 0.03 1.99 -12.04
CA ALA A 458 -0.03 1.94 -11.99
C ALA A 458 -0.06 3.51 -11.89
C ALA A 458 -0.67 3.28 -11.58
N ALA A 459 -1.04 4.09 -12.56
CA ALA A 459 -1.45 5.50 -12.42
C ALA A 459 -0.79 6.30 -13.55
N MET A 460 0.53 6.30 -13.57
CA MET A 460 1.34 6.98 -14.58
C MET A 460 2.78 6.71 -14.24
N ASN A 461 3.65 6.64 -15.25
CA ASN A 461 5.09 6.56 -15.03
C ASN A 461 5.49 5.39 -14.11
N ASN A 462 5.04 4.19 -14.48
CA ASN A 462 5.41 2.99 -13.76
C ASN A 462 6.91 2.91 -13.63
N THR A 463 7.40 2.50 -12.46
CA THR A 463 8.82 2.26 -12.29
C THR A 463 9.22 0.89 -12.82
N ALA A 464 10.52 0.70 -12.95
CA ALA A 464 11.09 -0.57 -13.40
C ALA A 464 12.02 -1.14 -12.32
N SER A 465 11.43 -1.71 -11.27
CA SER A 465 12.22 -2.32 -10.18
C SER A 465 13.08 -3.49 -10.65
N GLU A 466 12.77 -4.00 -11.85
CA GLU A 466 13.62 -5.00 -12.49
C GLU A 466 15.02 -4.51 -12.83
N HIS A 467 15.19 -3.18 -12.91
CA HIS A 467 16.49 -2.60 -13.18
C HIS A 467 17.30 -2.41 -11.89
N PHE A 468 18.59 -2.68 -11.98
CA PHE A 468 19.43 -2.80 -10.78
C PHE A 468 19.41 -1.59 -9.86
N MET A 469 19.54 -0.39 -10.41
CA MET A 469 19.63 0.82 -9.57
C MET A 469 18.28 1.28 -9.06
N VAL A 470 17.21 0.82 -9.69
CA VAL A 470 15.85 1.07 -9.17
C VAL A 470 15.61 0.19 -7.94
N ASP A 471 15.86 -1.11 -8.09
CA ASP A 471 15.88 -2.03 -6.98
C ASP A 471 16.76 -1.50 -5.84
N ARG A 472 17.96 -1.00 -6.16
CA ARG A 472 18.85 -0.45 -5.14
C ARG A 472 18.19 0.71 -4.41
N LEU A 473 17.62 1.65 -5.15
CA LEU A 473 17.01 2.83 -4.54
C LEU A 473 15.84 2.45 -3.63
N ILE A 474 15.03 1.48 -4.06
CA ILE A 474 13.90 0.99 -3.27
C ILE A 474 14.41 0.43 -1.92
N VAL A 475 15.41 -0.45 -1.97
CA VAL A 475 15.92 -1.06 -0.74
C VAL A 475 16.59 0.01 0.13
N ASP A 476 17.39 0.88 -0.47
CA ASP A 476 18.05 1.96 0.28
C ASP A 476 17.02 2.85 0.97
N ASP A 477 15.92 3.12 0.27
CA ASP A 477 14.90 3.98 0.86
C ASP A 477 14.22 3.33 2.03
N LEU A 478 13.88 2.04 1.91
CA LEU A 478 13.33 1.30 3.05
C LEU A 478 14.25 1.34 4.27
N LEU A 479 15.53 1.16 4.05
CA LEU A 479 16.50 1.16 5.14
C LEU A 479 16.61 2.56 5.75
N ASN A 480 16.49 3.58 4.92
CA ASN A 480 16.44 4.95 5.43
C ASN A 480 15.31 5.13 6.42
N TRP A 481 14.10 4.74 6.04
CA TRP A 481 12.98 4.91 6.96
C TRP A 481 13.11 4.04 8.21
N ALA A 482 13.56 2.81 8.04
CA ALA A 482 13.78 1.91 9.20
C ALA A 482 14.81 2.45 10.19
N VAL A 483 15.93 2.98 9.68
CA VAL A 483 17.04 3.37 10.54
C VAL A 483 16.95 4.82 10.96
N ASN A 484 16.71 5.72 10.01
CA ASN A 484 16.65 7.16 10.30
C ASN A 484 15.38 7.60 10.99
N TYR A 485 14.29 6.86 10.80
CA TYR A 485 13.00 7.20 11.39
C TYR A 485 12.40 6.10 12.28
N LYS A 486 13.11 4.97 12.41
CA LYS A 486 12.70 3.90 13.31
C LYS A 486 11.26 3.41 13.01
N VAL A 487 10.95 3.34 11.71
CA VAL A 487 9.65 2.86 11.24
C VAL A 487 9.55 1.34 11.41
N ASP A 488 8.37 0.86 11.80
CA ASP A 488 8.17 -0.51 12.25
C ASP A 488 7.62 -1.50 11.19
N GLY A 489 7.28 -1.00 10.02
CA GLY A 489 6.76 -1.89 8.97
C GLY A 489 6.39 -1.07 7.75
N PHE A 490 6.02 -1.79 6.69
CA PHE A 490 5.77 -1.18 5.40
C PHE A 490 4.66 -1.89 4.66
N ARG A 491 3.74 -1.09 4.14
CA ARG A 491 2.68 -1.53 3.23
C ARG A 491 3.06 -1.11 1.83
N PHE A 492 3.22 -2.10 0.95
CA PHE A 492 3.63 -1.86 -0.43
C PHE A 492 2.46 -1.68 -1.37
N ASP A 493 2.25 -0.43 -1.75
CA ASP A 493 1.30 -0.06 -2.79
C ASP A 493 1.66 -0.80 -4.07
N LEU A 494 0.67 -1.39 -4.72
CA LEU A 494 0.83 -2.12 -5.98
C LEU A 494 2.12 -2.96 -6.02
N MET A 495 2.22 -3.84 -5.03
CA MET A 495 3.32 -4.77 -4.88
C MET A 495 3.47 -5.69 -6.10
N GLY A 496 2.36 -5.96 -6.80
CA GLY A 496 2.40 -6.75 -8.05
C GLY A 496 3.18 -6.09 -9.16
N HIS A 497 3.42 -4.79 -9.06
CA HIS A 497 4.27 -4.07 -10.01
C HIS A 497 5.75 -4.04 -9.64
N ILE A 498 6.07 -4.61 -8.47
CA ILE A 498 7.44 -4.68 -7.98
CA ILE A 498 7.44 -4.68 -7.98
C ILE A 498 7.95 -6.10 -8.18
N MET A 499 9.22 -6.25 -8.54
CA MET A 499 9.78 -7.59 -8.69
C MET A 499 9.83 -8.31 -7.35
N LYS A 500 9.49 -9.59 -7.37
CA LYS A 500 9.61 -10.40 -6.18
C LYS A 500 11.04 -10.36 -5.64
N ARG A 501 12.04 -10.37 -6.52
CA ARG A 501 13.42 -10.36 -6.05
C ARG A 501 13.72 -9.09 -5.23
N THR A 502 13.11 -7.97 -5.62
CA THR A 502 13.26 -6.71 -4.88
C THR A 502 12.62 -6.84 -3.50
N MET A 503 11.40 -7.35 -3.46
CA MET A 503 10.70 -7.57 -2.20
C MET A 503 11.52 -8.43 -1.24
N MET A 504 12.09 -9.53 -1.76
CA MET A 504 12.83 -10.45 -0.90
C MET A 504 14.18 -9.88 -0.49
N ARG A 505 14.84 -9.14 -1.37
CA ARG A 505 16.11 -8.52 -1.00
C ARG A 505 15.88 -7.45 0.08
N ALA A 506 14.78 -6.72 -0.05
CA ALA A 506 14.38 -5.72 0.95
C ALA A 506 14.09 -6.38 2.29
N LYS A 507 13.32 -7.47 2.26
CA LYS A 507 12.92 -8.18 3.47
C LYS A 507 14.15 -8.61 4.24
N SER A 508 15.11 -9.20 3.55
CA SER A 508 16.32 -9.69 4.19
C SER A 508 17.12 -8.55 4.79
N ALA A 509 17.28 -7.47 4.03
CA ALA A 509 18.08 -6.33 4.50
C ALA A 509 17.42 -5.70 5.73
N LEU A 510 16.11 -5.51 5.68
CA LEU A 510 15.38 -4.92 6.82
C LEU A 510 15.49 -5.79 8.07
N GLN A 511 15.25 -7.07 7.90
CA GLN A 511 15.11 -7.95 9.04
C GLN A 511 16.46 -8.32 9.66
N SER A 512 17.56 -7.96 8.99
CA SER A 512 18.91 -8.14 9.53
CA SER A 512 18.91 -8.14 9.53
C SER A 512 19.42 -6.93 10.33
N LEU A 513 18.66 -5.83 10.34
CA LEU A 513 19.05 -4.68 11.17
C LEU A 513 18.99 -5.08 12.65
N THR A 514 19.97 -4.63 13.44
CA THR A 514 19.98 -4.89 14.88
C THR A 514 20.07 -3.60 15.69
N THR A 515 19.67 -3.67 16.96
CA THR A 515 19.72 -2.47 17.79
C THR A 515 21.15 -2.05 18.00
N ASP A 516 22.04 -3.03 18.17
CA ASP A 516 23.44 -2.75 18.44
C ASP A 516 24.12 -2.00 17.29
N ALA A 517 23.84 -2.42 16.06
CA ALA A 517 24.49 -1.86 14.88
C ALA A 517 23.74 -0.66 14.30
N HIS A 518 22.41 -0.67 14.42
CA HIS A 518 21.56 0.28 13.69
C HIS A 518 20.50 1.00 14.52
N GLY A 519 20.36 0.63 15.79
CA GLY A 519 19.39 1.27 16.68
C GLY A 519 17.95 0.78 16.57
N VAL A 520 17.72 -0.25 15.75
CA VAL A 520 16.38 -0.81 15.58
C VAL A 520 16.46 -2.33 15.47
N ASP A 521 15.46 -3.01 16.02
CA ASP A 521 15.37 -4.45 15.92
C ASP A 521 14.63 -4.83 14.63
N GLY A 522 15.40 -5.11 13.61
CA GLY A 522 14.84 -5.39 12.29
C GLY A 522 14.00 -6.66 12.23
N SER A 523 14.26 -7.60 13.14
CA SER A 523 13.51 -8.86 13.17
C SER A 523 12.01 -8.66 13.38
N LYS A 524 11.62 -7.48 13.90
CA LYS A 524 10.22 -7.15 14.17
C LYS A 524 9.57 -6.27 13.11
N ILE A 525 10.32 -5.92 12.06
CA ILE A 525 9.76 -5.10 10.97
C ILE A 525 8.93 -5.98 10.04
N TYR A 526 7.65 -5.62 9.87
CA TYR A 526 6.70 -6.41 9.10
C TYR A 526 6.40 -5.79 7.74
N LEU A 527 6.39 -6.63 6.69
CA LEU A 527 6.08 -6.20 5.32
CA LEU A 527 6.08 -6.20 5.32
C LEU A 527 4.79 -6.84 4.80
N TYR A 528 3.98 -6.06 4.11
CA TYR A 528 2.79 -6.57 3.43
C TYR A 528 2.48 -5.63 2.28
N GLY A 529 1.60 -6.06 1.38
CA GLY A 529 1.27 -5.24 0.21
C GLY A 529 0.08 -5.67 -0.58
N GLU A 530 -0.22 -4.86 -1.60
CA GLU A 530 -1.28 -5.17 -2.56
C GLU A 530 -0.71 -6.02 -3.68
N GLY A 531 -1.00 -7.31 -3.67
CA GLY A 531 -0.49 -8.22 -4.69
C GLY A 531 -1.31 -8.36 -5.95
N TRP A 532 -1.91 -7.27 -6.42
CA TRP A 532 -2.76 -7.33 -7.60
C TRP A 532 -1.88 -7.58 -8.82
N ASP A 533 -2.40 -8.39 -9.73
CA ASP A 533 -1.65 -8.88 -10.89
C ASP A 533 -2.40 -8.46 -12.15
N PHE A 534 -1.89 -7.45 -12.84
CA PHE A 534 -2.56 -6.91 -14.01
C PHE A 534 -1.63 -6.19 -14.97
N ALA A 535 -2.16 -5.87 -16.15
CA ALA A 535 -1.43 -5.11 -17.15
C ALA A 535 -0.10 -5.79 -17.54
N GLU A 536 0.98 -5.01 -17.68
CA GLU A 536 2.20 -5.49 -18.34
C GLU A 536 3.04 -6.46 -17.50
N VAL A 537 2.75 -6.53 -16.20
CA VAL A 537 3.49 -7.42 -15.31
C VAL A 537 2.81 -8.78 -15.11
N ALA A 538 1.56 -8.91 -15.56
CA ALA A 538 0.86 -10.19 -15.49
C ALA A 538 1.58 -11.29 -16.27
N ARG A 539 1.31 -12.53 -15.91
CA ARG A 539 1.95 -13.71 -16.52
C ARG A 539 3.48 -13.61 -16.42
N ASN A 540 3.96 -12.97 -15.35
CA ASN A 540 5.40 -12.80 -15.11
C ASN A 540 6.15 -12.22 -16.31
N GLN A 541 5.49 -11.34 -17.07
CA GLN A 541 6.05 -10.90 -18.35
C GLN A 541 7.31 -10.02 -18.21
N ARG A 542 7.46 -9.36 -17.08
CA ARG A 542 8.65 -8.56 -16.80
C ARG A 542 9.57 -9.21 -15.79
N GLY A 543 9.28 -10.48 -15.45
CA GLY A 543 9.95 -11.19 -14.38
C GLY A 543 8.92 -11.63 -13.36
N ILE A 544 9.37 -12.39 -12.36
CA ILE A 544 8.49 -12.82 -11.28
CA ILE A 544 8.47 -12.82 -11.30
C ILE A 544 8.14 -11.61 -10.43
N ASN A 545 6.87 -11.19 -10.50
CA ASN A 545 6.41 -9.98 -9.82
C ASN A 545 5.74 -10.30 -8.49
N GLY A 546 5.53 -9.27 -7.68
CA GLY A 546 5.00 -9.44 -6.33
C GLY A 546 3.50 -9.66 -6.22
N SER A 547 2.97 -10.55 -7.07
CA SER A 547 1.55 -10.91 -7.03
C SER A 547 1.20 -11.77 -5.82
N GLN A 548 -0.09 -11.84 -5.50
CA GLN A 548 -0.59 -12.75 -4.47
C GLN A 548 -0.02 -14.17 -4.59
N LEU A 549 -0.13 -14.74 -5.77
CA LEU A 549 0.30 -16.13 -5.96
C LEU A 549 1.83 -16.23 -5.86
N ASN A 550 2.56 -15.25 -6.39
CA ASN A 550 4.01 -15.32 -6.35
C ASN A 550 4.59 -15.09 -4.96
N MET A 551 3.86 -14.38 -4.11
CA MET A 551 4.33 -14.10 -2.75
C MET A 551 3.96 -15.18 -1.73
N SER A 552 3.26 -16.21 -2.18
CA SER A 552 3.01 -17.38 -1.33
C SER A 552 4.34 -17.98 -0.92
N GLY A 553 4.50 -18.23 0.38
CA GLY A 553 5.73 -18.79 0.90
C GLY A 553 6.86 -17.81 1.16
N THR A 554 6.58 -16.49 1.11
CA THR A 554 7.59 -15.46 1.37
C THR A 554 7.52 -14.87 2.76
N GLY A 555 6.42 -15.09 3.48
CA GLY A 555 6.20 -14.42 4.75
C GLY A 555 5.87 -12.95 4.65
N ILE A 556 5.57 -12.48 3.44
CA ILE A 556 5.14 -11.10 3.21
C ILE A 556 3.64 -11.13 3.00
N GLY A 557 2.91 -10.30 3.74
CA GLY A 557 1.47 -10.30 3.67
C GLY A 557 0.91 -9.73 2.38
N SER A 558 -0.28 -10.16 2.03
CA SER A 558 -1.03 -9.50 0.96
C SER A 558 -2.50 -9.43 1.30
N PHE A 559 -3.15 -8.37 0.79
CA PHE A 559 -4.56 -8.13 1.03
C PHE A 559 -5.41 -9.26 0.44
N ASN A 560 -6.29 -9.81 1.28
CA ASN A 560 -7.19 -10.85 0.89
C ASN A 560 -8.49 -10.25 0.38
N ASP A 561 -8.53 -10.01 -0.92
CA ASP A 561 -9.73 -9.50 -1.57
C ASP A 561 -10.89 -10.50 -1.61
N ARG A 562 -10.60 -11.78 -1.46
CA ARG A 562 -11.65 -12.79 -1.52
C ARG A 562 -12.59 -12.67 -0.30
N ILE A 563 -12.01 -12.54 0.90
CA ILE A 563 -12.86 -12.43 2.09
C ILE A 563 -13.63 -11.09 2.08
N ARG A 564 -12.96 -10.03 1.61
CA ARG A 564 -13.59 -8.71 1.45
C ARG A 564 -14.86 -8.80 0.60
N ASP A 565 -14.71 -9.36 -0.60
CA ASP A 565 -15.82 -9.41 -1.55
C ASP A 565 -16.91 -10.41 -1.14
N ALA A 566 -16.52 -11.49 -0.45
CA ALA A 566 -17.50 -12.47 0.00
C ALA A 566 -18.39 -11.94 1.12
N ILE A 567 -17.78 -11.15 2.01
CA ILE A 567 -18.52 -10.54 3.11
C ILE A 567 -19.42 -9.42 2.59
N ASN A 568 -18.84 -8.50 1.84
CA ASN A 568 -19.59 -7.33 1.36
C ASN A 568 -20.53 -7.62 0.19
N GLY A 569 -20.11 -8.48 -0.74
CA GLY A 569 -20.88 -8.78 -1.94
C GLY A 569 -20.26 -8.10 -3.15
N GLY A 570 -20.26 -8.85 -4.26
CA GLY A 570 -19.80 -8.30 -5.52
C GLY A 570 -18.34 -7.92 -5.47
N ASN A 571 -18.02 -6.76 -6.02
CA ASN A 571 -16.66 -6.27 -6.08
C ASN A 571 -16.71 -4.76 -6.28
N PRO A 572 -15.64 -4.04 -5.90
CA PRO A 572 -15.73 -2.58 -5.99
C PRO A 572 -15.92 -2.03 -7.40
N PHE A 573 -15.68 -2.86 -8.41
CA PHE A 573 -15.84 -2.46 -9.79
C PHE A 573 -17.08 -3.09 -10.47
N GLY A 574 -17.89 -3.81 -9.70
CA GLY A 574 -19.13 -4.41 -10.21
C GLY A 574 -20.36 -3.60 -9.83
N ASN A 575 -21.54 -4.21 -9.98
CA ASN A 575 -22.79 -3.52 -9.67
C ASN A 575 -22.84 -3.23 -8.17
N PRO A 576 -23.02 -1.97 -7.78
CA PRO A 576 -22.97 -1.66 -6.35
C PRO A 576 -24.03 -2.39 -5.50
N LEU A 577 -25.12 -2.86 -6.11
CA LEU A 577 -26.19 -3.48 -5.33
C LEU A 577 -26.04 -4.99 -5.14
N GLN A 578 -24.98 -5.57 -5.69
CA GLN A 578 -24.76 -7.00 -5.54
C GLN A 578 -24.48 -7.35 -4.06
N GLN A 579 -25.30 -8.22 -3.48
CA GLN A 579 -25.22 -8.54 -2.06
C GLN A 579 -24.23 -9.65 -1.79
N GLY A 580 -23.80 -9.69 -0.53
CA GLY A 580 -22.84 -10.67 -0.04
C GLY A 580 -23.34 -11.30 1.25
N PHE A 581 -22.48 -12.10 1.86
CA PHE A 581 -22.82 -12.84 3.08
C PHE A 581 -23.32 -11.94 4.21
N ASN A 582 -22.69 -10.78 4.33
CA ASN A 582 -23.03 -9.84 5.41
C ASN A 582 -23.84 -8.62 4.91
N THR A 583 -24.39 -8.67 3.71
CA THR A 583 -25.25 -7.58 3.25
C THR A 583 -26.60 -8.07 2.71
N GLY A 584 -26.99 -9.29 3.07
CA GLY A 584 -28.36 -9.75 2.86
C GLY A 584 -28.62 -10.69 1.71
N LEU A 585 -27.57 -11.18 1.06
CA LEU A 585 -27.78 -12.08 -0.08
C LEU A 585 -28.62 -13.26 0.36
N PHE A 586 -29.68 -13.54 -0.40
CA PHE A 586 -30.66 -14.59 -0.10
C PHE A 586 -31.51 -14.34 1.15
N LEU A 587 -30.87 -14.01 2.26
CA LEU A 587 -31.54 -13.86 3.55
C LEU A 587 -32.45 -12.64 3.61
N GLU A 588 -31.99 -11.55 3.00
CA GLU A 588 -32.71 -10.28 3.03
C GLU A 588 -32.52 -9.59 1.68
N PRO A 589 -33.21 -10.09 0.65
CA PRO A 589 -32.98 -9.54 -0.69
C PRO A 589 -33.25 -8.04 -0.72
N ASN A 590 -32.43 -7.31 -1.48
CA ASN A 590 -32.56 -5.85 -1.55
C ASN A 590 -33.39 -5.36 -2.74
N GLY A 591 -33.96 -6.27 -3.51
CA GLY A 591 -34.74 -5.85 -4.69
C GLY A 591 -33.97 -5.78 -6.00
N PHE A 592 -32.64 -5.80 -5.97
CA PHE A 592 -31.82 -5.92 -7.18
C PHE A 592 -31.84 -7.39 -7.59
N TYR A 593 -32.18 -7.67 -8.86
CA TYR A 593 -32.30 -9.06 -9.30
C TYR A 593 -30.95 -9.77 -9.37
N GLN A 594 -30.85 -10.87 -8.63
CA GLN A 594 -29.62 -11.61 -8.45
C GLN A 594 -29.81 -13.12 -8.69
N GLY A 595 -30.91 -13.47 -9.35
CA GLY A 595 -31.24 -14.86 -9.61
C GLY A 595 -32.42 -15.38 -8.81
N ASN A 596 -32.78 -16.63 -9.13
CA ASN A 596 -33.84 -17.37 -8.44
C ASN A 596 -33.39 -17.68 -7.01
N GLU A 597 -34.33 -18.04 -6.14
CA GLU A 597 -34.00 -18.27 -4.74
C GLU A 597 -32.92 -19.34 -4.54
N ALA A 598 -33.00 -20.43 -5.29
CA ALA A 598 -31.99 -21.49 -5.18
C ALA A 598 -30.58 -20.98 -5.55
N ASP A 599 -30.52 -20.11 -6.56
CA ASP A 599 -29.28 -19.50 -7.06
C ASP A 599 -28.69 -18.61 -5.95
N THR A 600 -29.51 -17.74 -5.36
CA THR A 600 -28.98 -16.87 -4.31
C THR A 600 -28.56 -17.64 -3.05
N ARG A 601 -29.31 -18.68 -2.67
CA ARG A 601 -28.95 -19.51 -1.52
C ARG A 601 -27.58 -20.16 -1.74
N ARG A 602 -27.38 -20.70 -2.94
CA ARG A 602 -26.12 -21.31 -3.32
C ARG A 602 -24.97 -20.30 -3.39
N SER A 603 -25.25 -19.13 -3.93
CA SER A 603 -24.24 -18.07 -4.00
C SER A 603 -23.84 -17.62 -2.58
N LEU A 604 -24.81 -17.53 -1.69
CA LEU A 604 -24.52 -17.24 -0.27
C LEU A 604 -23.60 -18.31 0.34
N ALA A 605 -23.95 -19.58 0.11
CA ALA A 605 -23.16 -20.69 0.64
C ALA A 605 -21.74 -20.69 0.08
N THR A 606 -21.61 -20.33 -1.19
CA THR A 606 -20.31 -20.23 -1.83
C THR A 606 -19.47 -19.12 -1.20
N TYR A 607 -20.06 -17.96 -0.99
CA TYR A 607 -19.37 -16.90 -0.28
C TYR A 607 -18.96 -17.36 1.14
N ALA A 608 -19.82 -18.10 1.82
CA ALA A 608 -19.48 -18.64 3.15
C ALA A 608 -18.22 -19.51 3.10
N ASP A 609 -18.10 -20.35 2.06
CA ASP A 609 -16.88 -21.17 1.89
C ASP A 609 -15.65 -20.27 1.79
N GLN A 610 -15.74 -19.22 0.99
CA GLN A 610 -14.63 -18.32 0.75
C GLN A 610 -14.23 -17.59 2.04
N ILE A 611 -15.23 -17.18 2.81
CA ILE A 611 -14.99 -16.50 4.10
C ILE A 611 -14.30 -17.45 5.06
N GLN A 612 -14.76 -18.70 5.12
CA GLN A 612 -14.18 -19.65 6.05
C GLN A 612 -12.73 -19.98 5.69
N ILE A 613 -12.42 -20.15 4.40
CA ILE A 613 -11.02 -20.26 4.00
C ILE A 613 -10.20 -19.04 4.51
N GLY A 614 -10.75 -17.85 4.37
CA GLY A 614 -10.10 -16.64 4.86
C GLY A 614 -9.95 -16.60 6.37
N LEU A 615 -10.99 -17.00 7.08
CA LEU A 615 -10.96 -17.02 8.55
C LEU A 615 -9.90 -17.98 9.09
N ALA A 616 -9.57 -19.00 8.31
CA ALA A 616 -8.53 -19.97 8.63
C ALA A 616 -7.18 -19.59 8.02
N GLY A 617 -6.97 -18.29 7.77
CA GLY A 617 -5.68 -17.77 7.31
C GLY A 617 -5.44 -17.74 5.80
N ASN A 618 -6.51 -18.01 5.04
CA ASN A 618 -6.50 -18.03 3.57
C ASN A 618 -5.40 -18.92 2.96
N LEU A 619 -5.30 -20.12 3.52
CA LEU A 619 -4.24 -21.07 3.19
C LEU A 619 -4.59 -21.92 1.97
N ARG A 620 -3.58 -22.19 1.15
CA ARG A 620 -3.71 -23.11 0.03
C ARG A 620 -4.22 -24.49 0.46
N ASP A 621 -3.68 -24.97 1.58
CA ASP A 621 -3.81 -26.40 1.92
C ASP A 621 -4.86 -26.72 2.98
N TYR A 622 -5.51 -25.70 3.52
CA TYR A 622 -6.50 -25.93 4.57
C TYR A 622 -7.72 -26.61 3.94
N VAL A 623 -8.18 -27.69 4.58
CA VAL A 623 -9.29 -28.49 4.03
C VAL A 623 -10.63 -28.12 4.68
N LEU A 624 -11.56 -27.68 3.85
CA LEU A 624 -12.92 -27.30 4.28
C LEU A 624 -13.94 -28.22 3.62
N ILE A 625 -14.97 -28.60 4.38
CA ILE A 625 -16.15 -29.21 3.77
C ILE A 625 -16.93 -28.10 3.10
N SER A 626 -16.88 -28.10 1.77
CA SER A 626 -17.50 -27.05 0.97
C SER A 626 -19.02 -27.19 0.94
N HIS A 627 -19.68 -26.20 0.34
CA HIS A 627 -21.14 -26.15 0.34
C HIS A 627 -21.80 -27.31 -0.41
N THR A 628 -21.07 -27.96 -1.32
CA THR A 628 -21.57 -29.15 -2.01
C THR A 628 -21.42 -30.42 -1.17
N GLY A 629 -20.71 -30.31 -0.05
CA GLY A 629 -20.36 -31.46 0.78
C GLY A 629 -18.98 -32.03 0.49
N GLU A 630 -18.41 -31.66 -0.66
CA GLU A 630 -17.08 -32.12 -1.03
C GLU A 630 -16.00 -31.40 -0.25
N ALA A 631 -15.07 -32.17 0.32
CA ALA A 631 -13.92 -31.59 0.98
C ALA A 631 -13.00 -30.99 -0.07
N LYS A 632 -12.61 -29.74 0.13
CA LYS A 632 -11.74 -29.02 -0.79
C LYS A 632 -10.68 -28.25 -0.03
N LYS A 633 -9.46 -28.25 -0.55
CA LYS A 633 -8.40 -27.36 -0.06
C LYS A 633 -8.73 -25.93 -0.43
N GLY A 634 -8.22 -24.98 0.34
CA GLY A 634 -8.38 -23.55 0.02
C GLY A 634 -8.05 -23.22 -1.44
N SER A 635 -7.05 -23.88 -2.00
CA SER A 635 -6.61 -23.62 -3.37
C SER A 635 -7.56 -24.23 -4.40
N GLU A 636 -8.39 -25.16 -3.96
CA GLU A 636 -9.35 -25.85 -4.83
C GLU A 636 -10.71 -25.18 -4.87
N ILE A 637 -10.91 -24.19 -3.99
CA ILE A 637 -12.06 -23.33 -4.04
C ILE A 637 -11.61 -22.13 -4.87
N HIS A 638 -12.37 -21.80 -5.90
CA HIS A 638 -11.88 -20.86 -6.90
C HIS A 638 -12.70 -19.58 -6.93
N THR A 639 -12.04 -18.49 -7.33
CA THR A 639 -12.70 -17.21 -7.47
C THR A 639 -13.60 -17.30 -8.70
N PHE A 640 -14.66 -16.50 -8.75
CA PHE A 640 -15.46 -16.37 -9.96
C PHE A 640 -14.59 -15.75 -11.04
N ASP A 641 -13.65 -16.57 -11.54
CA ASP A 641 -12.56 -16.14 -12.43
C ASP A 641 -11.35 -17.10 -12.46
N GLY A 642 -11.38 -18.18 -11.65
CA GLY A 642 -10.51 -19.34 -11.87
C GLY A 642 -9.33 -19.61 -10.95
N LEU A 643 -8.95 -18.63 -10.15
CA LEU A 643 -7.73 -18.72 -9.33
C LEU A 643 -8.07 -19.19 -7.93
N PRO A 644 -7.07 -19.68 -7.18
CA PRO A 644 -7.35 -20.17 -5.85
C PRO A 644 -7.87 -19.09 -4.90
N VAL A 645 -8.91 -19.39 -4.14
CA VAL A 645 -9.32 -18.47 -3.08
C VAL A 645 -8.22 -18.41 -2.02
N GLY A 646 -7.87 -19.57 -1.45
CA GLY A 646 -6.79 -19.67 -0.48
C GLY A 646 -5.46 -19.87 -1.17
N TYR A 647 -4.53 -18.95 -1.00
CA TYR A 647 -3.27 -18.95 -1.75
C TYR A 647 -1.99 -18.89 -0.92
N THR A 648 -2.11 -18.78 0.40
CA THR A 648 -0.93 -18.56 1.22
C THR A 648 -0.36 -19.85 1.80
N ALA A 649 0.89 -19.74 2.28
CA ALA A 649 1.58 -20.80 3.00
C ALA A 649 1.56 -20.65 4.53
N SER A 650 1.13 -19.48 4.99
CA SER A 650 1.16 -19.12 6.40
C SER A 650 0.13 -18.06 6.67
N PRO A 651 -0.48 -18.09 7.85
CA PRO A 651 -1.41 -17.02 8.19
C PRO A 651 -0.78 -15.61 8.17
N ILE A 652 0.53 -15.49 8.37
CA ILE A 652 1.15 -14.15 8.37
C ILE A 652 1.25 -13.57 6.96
N GLU A 653 0.94 -14.39 5.98
CA GLU A 653 0.83 -13.94 4.59
C GLU A 653 -0.53 -13.38 4.20
N THR A 654 -1.53 -13.48 5.07
N THR A 654 -1.46 -13.34 5.14
N THR A 654 -1.48 -13.39 5.13
CA THR A 654 -2.85 -12.91 4.77
CA THR A 654 -2.83 -12.94 4.88
CA THR A 654 -2.82 -12.88 4.87
C THR A 654 -3.12 -11.66 5.61
C THR A 654 -3.24 -11.69 5.66
C THR A 654 -3.15 -11.63 5.66
N ILE A 655 -3.59 -10.63 4.92
CA ILE A 655 -4.12 -9.41 5.50
C ILE A 655 -5.61 -9.47 5.21
N ASN A 656 -6.39 -9.80 6.23
CA ASN A 656 -7.85 -9.92 6.10
C ASN A 656 -8.48 -8.56 6.33
N TYR A 657 -9.32 -8.14 5.38
CA TYR A 657 -9.98 -6.84 5.47
C TYR A 657 -11.34 -6.86 4.80
N VAL A 658 -12.18 -5.91 5.19
CA VAL A 658 -13.46 -5.64 4.54
C VAL A 658 -13.56 -4.18 4.07
N SER A 659 -12.53 -3.40 4.35
CA SER A 659 -12.53 -1.97 4.14
C SER A 659 -11.11 -1.42 4.19
N ALA A 660 -10.91 -0.31 3.50
CA ALA A 660 -9.63 0.36 3.42
C ALA A 660 -9.88 1.75 2.85
N HIS A 661 -8.83 2.53 2.67
CA HIS A 661 -9.03 3.88 2.17
C HIS A 661 -9.66 3.86 0.77
N ASP A 662 -9.28 2.87 -0.06
CA ASP A 662 -9.91 2.71 -1.37
C ASP A 662 -11.34 2.19 -1.29
N ASN A 663 -12.17 2.63 -2.22
CA ASN A 663 -13.55 2.15 -2.32
C ASN A 663 -14.42 2.62 -1.16
N GLU A 664 -15.62 2.07 -1.03
CA GLU A 664 -16.59 2.58 -0.07
C GLU A 664 -16.17 2.20 1.35
N THR A 665 -16.41 3.09 2.31
CA THR A 665 -16.18 2.73 3.72
C THR A 665 -17.09 1.57 4.10
N LEU A 666 -16.75 0.88 5.19
CA LEU A 666 -17.58 -0.21 5.69
C LEU A 666 -19.03 0.24 5.90
N PHE A 667 -19.23 1.39 6.53
CA PHE A 667 -20.57 1.87 6.79
C PHE A 667 -21.32 2.15 5.48
N ASP A 668 -20.63 2.76 4.53
CA ASP A 668 -21.25 3.12 3.25
C ASP A 668 -21.61 1.90 2.41
N VAL A 669 -20.72 0.90 2.36
CA VAL A 669 -21.01 -0.30 1.54
C VAL A 669 -22.22 -1.03 2.13
N ILE A 670 -22.32 -1.09 3.46
CA ILE A 670 -23.46 -1.73 4.10
C ILE A 670 -24.74 -0.93 3.83
N SER A 671 -24.66 0.40 3.87
CA SER A 671 -25.81 1.24 3.58
C SER A 671 -26.29 1.15 2.13
N VAL A 672 -25.38 0.88 1.20
CA VAL A 672 -25.75 0.71 -0.20
C VAL A 672 -26.41 -0.63 -0.48
N LYS A 673 -25.86 -1.70 0.08
CA LYS A 673 -26.21 -3.05 -0.32
C LYS A 673 -27.37 -3.70 0.45
N THR A 674 -27.53 -3.35 1.71
CA THR A 674 -28.60 -3.91 2.51
C THR A 674 -29.95 -3.36 2.04
N PRO A 675 -31.05 -4.04 2.42
CA PRO A 675 -32.36 -3.48 2.09
C PRO A 675 -32.51 -2.08 2.64
N MET A 676 -33.11 -1.19 1.86
CA MET A 676 -33.29 0.19 2.30
C MET A 676 -34.09 0.30 3.61
N ILE A 677 -35.00 -0.63 3.86
CA ILE A 677 -35.91 -0.54 4.99
C ILE A 677 -35.25 -0.91 6.34
N LEU A 678 -34.04 -1.47 6.32
CA LEU A 678 -33.36 -1.76 7.59
C LEU A 678 -33.16 -0.47 8.37
N SER A 679 -33.25 -0.54 9.69
CA SER A 679 -32.98 0.61 10.53
C SER A 679 -31.49 0.82 10.63
N VAL A 680 -31.09 2.01 11.04
CA VAL A 680 -29.68 2.26 11.24
C VAL A 680 -29.14 1.39 12.38
N ASP A 681 -29.99 1.12 13.37
CA ASP A 681 -29.61 0.22 14.48
C ASP A 681 -29.21 -1.16 13.96
N GLU A 682 -30.02 -1.70 13.06
CA GLU A 682 -29.72 -2.97 12.41
C GLU A 682 -28.40 -2.88 11.63
N ARG A 683 -28.23 -1.82 10.84
CA ARG A 683 -26.99 -1.67 10.07
C ARG A 683 -25.77 -1.55 11.00
N CYS A 684 -25.92 -0.92 12.16
CA CYS A 684 -24.80 -0.87 13.08
C CYS A 684 -24.37 -2.25 13.57
N ARG A 685 -25.34 -3.13 13.81
CA ARG A 685 -25.01 -4.54 14.12
C ARG A 685 -24.27 -5.21 12.96
N ILE A 686 -24.64 -4.89 11.73
CA ILE A 686 -24.02 -5.47 10.54
C ILE A 686 -22.56 -4.99 10.40
N ASN A 687 -22.32 -3.71 10.70
CA ASN A 687 -20.96 -3.19 10.72
C ASN A 687 -20.11 -3.98 11.73
N HIS A 688 -20.64 -4.16 12.93
CA HIS A 688 -19.94 -4.93 13.97
C HIS A 688 -19.65 -6.35 13.50
N LEU A 689 -20.60 -6.99 12.83
CA LEU A 689 -20.35 -8.35 12.31
C LEU A 689 -19.14 -8.38 11.38
N ALA A 690 -19.07 -7.41 10.46
CA ALA A 690 -17.97 -7.39 9.51
C ALA A 690 -16.61 -7.19 10.17
N SER A 691 -16.49 -6.18 11.03
N SER A 691 -16.52 -6.18 11.03
CA SER A 691 -15.22 -5.91 11.73
CA SER A 691 -15.29 -5.91 11.75
C SER A 691 -14.87 -7.04 12.72
C SER A 691 -14.89 -7.08 12.62
N SER A 692 -15.88 -7.74 13.23
CA SER A 692 -15.63 -8.89 14.11
C SER A 692 -15.12 -10.11 13.35
N MET A 693 -15.62 -10.33 12.14
CA MET A 693 -15.07 -11.37 11.29
C MET A 693 -13.58 -11.13 11.03
N MET A 694 -13.17 -9.87 10.90
CA MET A 694 -11.76 -9.56 10.76
C MET A 694 -11.03 -9.80 12.09
N ALA A 695 -11.59 -9.24 13.17
CA ALA A 695 -10.93 -9.28 14.47
C ALA A 695 -10.77 -10.69 15.03
N LEU A 696 -11.59 -11.64 14.61
CA LEU A 696 -11.51 -13.01 15.12
C LEU A 696 -10.96 -14.00 14.08
N SER A 697 -10.39 -13.47 13.00
CA SER A 697 -9.83 -14.31 11.94
C SER A 697 -8.40 -14.72 12.26
N GLN A 698 -8.01 -15.90 11.77
CA GLN A 698 -6.61 -16.24 11.70
C GLN A 698 -5.97 -15.37 10.62
N GLY A 699 -4.66 -15.19 10.73
CA GLY A 699 -3.97 -14.20 9.90
C GLY A 699 -3.96 -12.84 10.59
N ILE A 700 -3.77 -11.80 9.79
CA ILE A 700 -3.56 -10.43 10.30
C ILE A 700 -4.78 -9.56 9.94
N PRO A 701 -5.56 -9.17 10.97
CA PRO A 701 -6.69 -8.28 10.71
C PRO A 701 -6.27 -6.85 10.39
N PHE A 702 -6.97 -6.28 9.42
CA PHE A 702 -6.74 -4.93 8.94
C PHE A 702 -8.05 -4.14 8.99
N PHE A 703 -7.99 -3.00 9.66
CA PHE A 703 -9.14 -2.11 9.86
C PHE A 703 -8.88 -0.76 9.21
N HIS A 704 -9.87 -0.26 8.49
CA HIS A 704 -9.82 1.09 8.00
C HIS A 704 -10.15 2.05 9.16
N ALA A 705 -9.38 3.12 9.32
CA ALA A 705 -9.70 4.10 10.37
C ALA A 705 -11.13 4.58 10.18
N GLY A 706 -11.91 4.45 11.23
CA GLY A 706 -13.34 4.78 11.15
C GLY A 706 -14.28 3.60 11.13
N ASP A 707 -13.79 2.39 10.81
CA ASP A 707 -14.60 1.17 10.93
C ASP A 707 -15.33 1.15 12.29
N GLU A 708 -14.59 1.56 13.32
CA GLU A 708 -15.02 1.47 14.70
C GLU A 708 -16.03 2.54 15.12
N ILE A 709 -16.18 3.57 14.28
CA ILE A 709 -17.08 4.71 14.56
C ILE A 709 -18.01 5.03 13.38
N LEU A 710 -18.30 4.02 12.57
CA LEU A 710 -19.31 4.12 11.52
C LEU A 710 -18.96 5.16 10.45
N ARG A 711 -17.67 5.37 10.21
CA ARG A 711 -17.23 6.42 9.31
C ARG A 711 -17.82 6.31 7.92
N SER A 712 -18.32 7.45 7.42
CA SER A 712 -18.87 7.57 6.08
C SER A 712 -18.11 8.62 5.29
N LYS A 713 -18.15 8.49 3.96
CA LYS A 713 -17.66 9.53 3.06
C LYS A 713 -18.82 9.98 2.17
N SER A 714 -20.04 9.83 2.68
CA SER A 714 -21.23 10.04 1.87
C SER A 714 -21.16 9.25 0.55
N ILE A 715 -20.67 8.02 0.69
CA ILE A 715 -20.63 7.00 -0.36
C ILE A 715 -19.61 7.31 -1.47
N ASP A 716 -18.65 8.19 -1.18
CA ASP A 716 -17.54 8.40 -2.13
C ASP A 716 -16.74 7.09 -2.31
N ARG A 717 -16.64 6.59 -3.54
CA ARG A 717 -15.89 5.35 -3.79
CA ARG A 717 -15.89 5.35 -3.82
C ARG A 717 -14.39 5.57 -3.98
N ASP A 718 -13.96 6.83 -4.12
CA ASP A 718 -12.53 7.10 -4.33
C ASP A 718 -12.23 8.51 -3.90
N SER A 719 -12.02 8.67 -2.59
CA SER A 719 -12.00 9.99 -1.97
C SER A 719 -10.63 10.66 -1.94
N TYR A 720 -9.68 10.18 -2.75
CA TYR A 720 -8.29 10.65 -2.76
C TYR A 720 -8.09 12.15 -2.88
N ASN A 721 -9.02 12.79 -3.58
CA ASN A 721 -8.95 14.22 -3.86
C ASN A 721 -10.23 14.92 -3.46
N SER A 722 -10.98 14.31 -2.55
CA SER A 722 -12.30 14.80 -2.17
C SER A 722 -12.30 15.72 -0.93
N GLY A 723 -11.10 16.12 -0.49
CA GLY A 723 -10.94 17.15 0.52
C GLY A 723 -11.26 16.66 1.91
N ASP A 724 -11.10 17.56 2.86
CA ASP A 724 -11.50 17.27 4.22
C ASP A 724 -13.02 17.10 4.36
N TRP A 725 -13.79 17.71 3.45
CA TRP A 725 -15.24 17.67 3.54
C TRP A 725 -15.78 16.24 3.50
N PHE A 726 -15.34 15.48 2.50
CA PHE A 726 -15.80 14.10 2.35
C PHE A 726 -15.06 13.07 3.20
N ASN A 727 -13.87 13.44 3.69
CA ASN A 727 -12.98 12.55 4.44
C ASN A 727 -12.98 12.77 5.95
N LYS A 728 -13.90 13.59 6.43
CA LYS A 728 -13.95 13.91 7.86
C LYS A 728 -13.91 12.68 8.76
N LEU A 729 -13.03 12.75 9.76
CA LEU A 729 -12.89 11.77 10.83
C LEU A 729 -13.18 12.55 12.12
N ASP A 730 -14.34 12.32 12.71
CA ASP A 730 -14.84 13.14 13.81
C ASP A 730 -14.68 12.47 15.16
N PHE A 731 -13.63 12.85 15.90
CA PHE A 731 -13.36 12.25 17.20
C PHE A 731 -14.14 12.90 18.35
N THR A 732 -15.09 13.78 18.02
CA THR A 732 -16.14 14.16 18.97
C THR A 732 -17.27 13.15 18.96
N TYR A 733 -17.33 12.31 17.92
CA TYR A 733 -18.35 11.27 17.79
C TYR A 733 -19.76 11.83 17.57
N GLU A 734 -19.87 13.12 17.25
CA GLU A 734 -21.19 13.72 17.08
C GLU A 734 -21.79 13.38 15.69
N THR A 735 -20.91 13.13 14.72
CA THR A 735 -21.31 12.83 13.36
C THR A 735 -20.44 11.72 12.80
N ASN A 736 -20.92 11.02 11.76
CA ASN A 736 -20.08 10.08 11.01
C ASN A 736 -19.82 10.50 9.55
N ASN A 737 -20.36 11.65 9.15
CA ASN A 737 -20.17 12.25 7.83
C ASN A 737 -21.04 11.63 6.74
N TRP A 738 -22.07 10.89 7.15
CA TRP A 738 -23.15 10.49 6.27
C TRP A 738 -24.07 11.68 5.99
N GLY A 739 -24.45 11.86 4.73
CA GLY A 739 -25.44 12.87 4.37
C GLY A 739 -24.90 14.27 4.23
N VAL A 740 -23.70 14.40 3.65
CA VAL A 740 -23.04 15.68 3.46
C VAL A 740 -22.92 16.06 1.98
N GLY A 741 -23.87 15.55 1.18
CA GLY A 741 -23.91 15.78 -0.25
C GLY A 741 -23.54 14.56 -1.06
N LEU A 742 -24.00 14.53 -2.29
CA LEU A 742 -23.52 13.53 -3.25
C LEU A 742 -22.00 13.69 -3.41
N PRO A 743 -21.26 12.58 -3.48
CA PRO A 743 -19.81 12.68 -3.58
C PRO A 743 -19.33 13.08 -4.98
N PRO A 744 -18.05 13.46 -5.11
CA PRO A 744 -17.57 14.07 -6.35
C PRO A 744 -17.91 13.33 -7.65
N SER A 745 -18.34 14.09 -8.65
CA SER A 745 -18.92 13.52 -9.87
C SER A 745 -17.95 12.65 -10.65
N GLU A 746 -16.66 13.00 -10.67
CA GLU A 746 -15.68 12.30 -11.53
C GLU A 746 -15.72 10.78 -11.30
N LYS A 747 -15.72 10.36 -10.04
CA LYS A 747 -15.69 8.93 -9.70
C LYS A 747 -17.05 8.34 -9.34
N ASN A 748 -18.05 9.17 -9.09
CA ASN A 748 -19.31 8.73 -8.52
C ASN A 748 -20.61 9.02 -9.26
N GLU A 749 -20.59 9.91 -10.27
CA GLU A 749 -21.83 10.42 -10.86
C GLU A 749 -22.73 9.31 -11.41
N ASP A 750 -22.13 8.26 -11.99
CA ASP A 750 -22.91 7.12 -12.51
C ASP A 750 -23.77 6.46 -11.44
N ASN A 751 -23.35 6.54 -10.18
CA ASN A 751 -24.09 5.94 -9.07
C ASN A 751 -24.91 6.90 -8.24
N TRP A 752 -24.96 8.17 -8.63
CA TRP A 752 -25.70 9.17 -7.85
C TRP A 752 -27.17 8.80 -7.64
N PRO A 753 -27.83 8.21 -8.67
CA PRO A 753 -29.25 7.86 -8.47
C PRO A 753 -29.49 6.86 -7.34
N LEU A 754 -28.56 5.94 -7.10
CA LEU A 754 -28.73 5.04 -5.96
C LEU A 754 -28.33 5.74 -4.65
N MET A 755 -27.38 6.67 -4.70
CA MET A 755 -26.90 7.37 -3.49
C MET A 755 -27.89 8.39 -2.97
N LYS A 756 -28.50 9.15 -3.87
CA LYS A 756 -29.34 10.29 -3.47
C LYS A 756 -30.45 9.95 -2.47
N PRO A 757 -31.31 8.95 -2.77
CA PRO A 757 -32.38 8.68 -1.80
C PRO A 757 -31.87 8.19 -0.44
N ARG A 758 -30.74 7.51 -0.44
CA ARG A 758 -30.14 7.00 0.79
C ARG A 758 -29.56 8.16 1.65
N LEU A 759 -28.79 9.03 1.00
CA LEU A 759 -28.23 10.19 1.68
C LEU A 759 -29.31 11.12 2.24
N GLU A 760 -30.44 11.21 1.55
CA GLU A 760 -31.54 12.09 1.93
C GLU A 760 -32.44 11.55 3.04
N ASN A 761 -32.33 10.24 3.28
CA ASN A 761 -33.20 9.56 4.20
C ASN A 761 -32.67 9.72 5.62
N PRO A 762 -33.42 10.44 6.49
CA PRO A 762 -32.91 10.64 7.84
C PRO A 762 -32.68 9.35 8.61
N SER A 763 -33.39 8.28 8.25
CA SER A 763 -33.29 7.01 8.96
CA SER A 763 -33.29 7.00 8.94
C SER A 763 -31.97 6.30 8.70
N PHE A 764 -31.19 6.77 7.72
CA PHE A 764 -29.88 6.16 7.42
C PHE A 764 -28.73 6.71 8.29
N LYS A 765 -28.96 7.85 8.92
CA LYS A 765 -27.88 8.60 9.57
C LYS A 765 -27.79 8.22 11.05
N PRO A 766 -26.62 7.73 11.51
CA PRO A 766 -26.48 7.42 12.93
C PRO A 766 -26.25 8.67 13.77
N ALA A 767 -26.62 8.58 15.04
CA ALA A 767 -26.39 9.62 16.03
C ALA A 767 -25.19 9.24 16.89
N LYS A 768 -24.80 10.15 17.78
CA LYS A 768 -23.69 9.92 18.68
C LYS A 768 -23.80 8.59 19.45
N GLY A 769 -24.99 8.27 19.95
CA GLY A 769 -25.18 7.02 20.65
C GLY A 769 -24.78 5.78 19.87
N HIS A 770 -25.14 5.77 18.58
CA HIS A 770 -24.78 4.64 17.72
C HIS A 770 -23.26 4.58 17.51
N ILE A 771 -22.67 5.74 17.30
CA ILE A 771 -21.23 5.84 17.06
C ILE A 771 -20.44 5.33 18.29
N LEU A 772 -20.84 5.77 19.48
CA LEU A 772 -20.17 5.34 20.72
C LEU A 772 -20.39 3.87 20.98
N ALA A 773 -21.58 3.36 20.64
CA ALA A 773 -21.84 1.92 20.80
C ALA A 773 -21.00 1.08 19.84
N ALA A 774 -20.80 1.59 18.62
CA ALA A 774 -19.93 0.91 17.64
C ALA A 774 -18.49 0.82 18.17
N LEU A 775 -18.02 1.91 18.76
CA LEU A 775 -16.66 1.96 19.32
C LEU A 775 -16.52 0.99 20.50
N ASP A 776 -17.52 0.95 21.38
CA ASP A 776 -17.50 0.00 22.49
C ASP A 776 -17.46 -1.46 22.01
N SER A 777 -18.24 -1.80 20.99
N SER A 777 -18.27 -1.77 21.00
CA SER A 777 -18.23 -3.19 20.53
CA SER A 777 -18.32 -3.10 20.40
C SER A 777 -16.92 -3.51 19.80
C SER A 777 -16.95 -3.47 19.81
N PHE A 778 -16.33 -2.52 19.14
CA PHE A 778 -15.03 -2.71 18.48
C PHE A 778 -13.91 -2.95 19.49
N VAL A 779 -13.88 -2.13 20.54
CA VAL A 779 -12.94 -2.34 21.62
C VAL A 779 -13.10 -3.74 22.19
N ASP A 780 -14.34 -4.18 22.38
CA ASP A 780 -14.56 -5.49 23.02
C ASP A 780 -14.11 -6.65 22.14
N ILE A 781 -14.34 -6.55 20.83
CA ILE A 781 -13.92 -7.63 19.93
C ILE A 781 -12.40 -7.72 19.85
N LEU A 782 -11.71 -6.58 19.92
CA LEU A 782 -10.25 -6.61 20.04
C LEU A 782 -9.81 -7.25 21.34
N LYS A 783 -10.47 -6.90 22.43
CA LYS A 783 -10.14 -7.52 23.72
C LYS A 783 -10.30 -9.04 23.58
N ILE A 784 -11.37 -9.48 22.93
CA ILE A 784 -11.58 -10.92 22.75
C ILE A 784 -10.42 -11.56 21.95
N ARG A 785 -10.04 -10.96 20.83
CA ARG A 785 -8.93 -11.51 20.05
C ARG A 785 -7.69 -11.69 20.92
N TYR A 786 -7.40 -10.70 21.74
CA TYR A 786 -6.17 -10.71 22.52
C TYR A 786 -6.31 -11.44 23.87
N SER A 787 -7.52 -11.95 24.16
CA SER A 787 -7.77 -12.78 25.33
C SER A 787 -7.29 -14.23 25.18
N SER A 788 -7.08 -14.69 23.94
CA SER A 788 -6.69 -16.08 23.69
C SER A 788 -5.69 -16.18 22.55
N PRO A 789 -4.56 -16.87 22.77
CA PRO A 789 -3.64 -17.11 21.66
C PRO A 789 -4.24 -17.97 20.53
N LEU A 790 -5.37 -18.61 20.79
CA LEU A 790 -6.00 -19.49 19.80
C LEU A 790 -6.52 -18.73 18.57
N PHE A 791 -6.80 -17.44 18.72
CA PHE A 791 -7.23 -16.63 17.59
C PHE A 791 -6.08 -16.22 16.67
N ARG A 792 -4.83 -16.45 17.11
CA ARG A 792 -3.64 -15.91 16.46
C ARG A 792 -2.58 -17.00 16.27
N LEU A 793 -3.01 -18.14 15.75
CA LEU A 793 -2.12 -19.29 15.59
C LEU A 793 -1.00 -18.97 14.60
N SER A 794 0.20 -19.49 14.86
CA SER A 794 1.35 -18.98 14.13
C SER A 794 1.70 -19.68 12.85
N THR A 795 1.20 -20.90 12.64
CA THR A 795 1.59 -21.68 11.47
C THR A 795 0.39 -22.34 10.83
N ALA A 796 0.55 -22.67 9.55
CA ALA A 796 -0.47 -23.41 8.83
C ALA A 796 -0.77 -24.75 9.51
N ASN A 797 0.26 -25.43 10.00
CA ASN A 797 0.04 -26.72 10.66
C ASN A 797 -0.90 -26.58 11.88
N ASP A 798 -0.72 -25.52 12.67
CA ASP A 798 -1.55 -25.29 13.84
C ASP A 798 -3.02 -25.06 13.45
N ILE A 799 -3.22 -24.28 12.37
CA ILE A 799 -4.56 -23.97 11.91
C ILE A 799 -5.23 -25.25 11.40
N LYS A 800 -4.51 -26.04 10.61
CA LYS A 800 -5.08 -27.28 10.10
C LYS A 800 -5.43 -28.25 11.22
N GLN A 801 -4.62 -28.28 12.28
CA GLN A 801 -4.90 -29.16 13.42
C GLN A 801 -6.06 -28.68 14.30
N ARG A 802 -6.20 -27.36 14.43
CA ARG A 802 -7.02 -26.78 15.50
C ARG A 802 -8.32 -26.09 15.10
N VAL A 803 -8.42 -25.63 13.85
CA VAL A 803 -9.55 -24.81 13.43
C VAL A 803 -10.52 -25.65 12.61
N ARG A 804 -11.76 -25.73 13.07
CA ARG A 804 -12.81 -26.50 12.41
C ARG A 804 -14.05 -25.64 12.23
N PHE A 805 -14.70 -25.77 11.08
CA PHE A 805 -15.98 -25.14 10.83
C PHE A 805 -17.10 -26.17 10.90
N HIS A 806 -18.22 -25.79 11.51
CA HIS A 806 -19.25 -26.75 11.91
C HIS A 806 -20.63 -26.61 11.27
N ASN A 807 -20.82 -25.58 10.44
CA ASN A 807 -22.06 -25.43 9.70
C ASN A 807 -21.74 -25.42 8.22
N THR A 808 -21.70 -26.62 7.63
CA THR A 808 -21.16 -26.81 6.30
C THR A 808 -22.03 -27.77 5.49
N GLY A 809 -21.79 -27.79 4.18
CA GLY A 809 -22.46 -28.72 3.27
C GLY A 809 -23.79 -28.23 2.71
N PRO A 810 -24.45 -29.07 1.88
CA PRO A 810 -25.66 -28.60 1.17
C PRO A 810 -26.82 -28.26 2.10
N SER A 811 -26.83 -28.84 3.29
CA SER A 811 -27.94 -28.62 4.21
C SER A 811 -27.55 -27.67 5.33
N LEU A 812 -26.47 -26.92 5.15
CA LEU A 812 -26.07 -25.91 6.12
C LEU A 812 -27.21 -24.92 6.38
N VAL A 813 -27.18 -24.34 7.56
CA VAL A 813 -28.14 -23.32 7.95
C VAL A 813 -27.66 -22.00 7.35
N PRO A 814 -28.41 -21.44 6.39
CA PRO A 814 -27.94 -20.21 5.74
C PRO A 814 -27.71 -19.05 6.70
N GLY A 815 -26.63 -18.32 6.49
CA GLY A 815 -26.35 -17.12 7.27
C GLY A 815 -25.61 -17.32 8.56
N VAL A 816 -25.03 -18.49 8.78
CA VAL A 816 -24.34 -18.76 10.03
C VAL A 816 -23.00 -19.42 9.73
N ILE A 817 -21.93 -18.89 10.34
CA ILE A 817 -20.62 -19.54 10.35
C ILE A 817 -20.31 -19.93 11.79
N VAL A 818 -19.94 -21.19 12.00
CA VAL A 818 -19.53 -21.68 13.32
C VAL A 818 -18.10 -22.14 13.23
N MET A 819 -17.24 -21.48 13.99
CA MET A 819 -15.81 -21.70 13.95
C MET A 819 -15.30 -22.13 15.31
N GLY A 820 -14.78 -23.36 15.38
CA GLY A 820 -14.18 -23.87 16.61
C GLY A 820 -12.68 -23.87 16.56
N ILE A 821 -12.03 -23.56 17.69
CA ILE A 821 -10.59 -23.62 17.80
C ILE A 821 -10.20 -24.42 19.06
N GLU A 822 -9.50 -25.53 18.83
CA GLU A 822 -9.15 -26.50 19.86
C GLU A 822 -7.79 -26.20 20.48
N ASP A 823 -7.68 -26.42 21.79
CA ASP A 823 -6.38 -26.44 22.45
C ASP A 823 -6.17 -27.78 23.15
N ALA A 824 -4.97 -28.01 23.66
CA ALA A 824 -4.67 -29.22 24.44
C ALA A 824 -5.69 -29.41 25.57
N ARG A 825 -6.21 -30.62 25.70
CA ARG A 825 -7.12 -30.95 26.81
C ARG A 825 -7.10 -32.45 27.12
N GLY A 826 -7.52 -32.79 28.34
CA GLY A 826 -7.43 -34.14 28.87
C GLY A 826 -6.01 -34.43 29.36
N GLU A 827 -5.75 -35.64 29.84
CA GLU A 827 -4.36 -36.04 30.12
C GLU A 827 -3.76 -36.68 28.86
N SER A 828 -2.51 -36.32 28.58
CA SER A 828 -1.78 -36.78 27.37
C SER A 828 -2.40 -36.27 26.05
N PRO A 829 -2.32 -34.95 25.79
CA PRO A 829 -2.82 -34.41 24.53
C PRO A 829 -1.80 -34.45 23.39
N GLU A 830 -2.31 -34.51 22.16
CA GLU A 830 -1.47 -34.55 20.96
C GLU A 830 -1.22 -33.17 20.34
N MET A 831 -1.31 -32.13 21.17
CA MET A 831 -0.89 -30.78 20.78
C MET A 831 -0.41 -30.00 22.00
N ALA A 832 0.40 -28.98 21.75
CA ALA A 832 0.85 -28.09 22.82
C ALA A 832 -0.32 -27.34 23.43
N GLN A 833 -0.23 -27.04 24.71
CA GLN A 833 -1.17 -26.14 25.36
C GLN A 833 -0.75 -24.71 25.06
N LEU A 834 -1.56 -23.99 24.28
CA LEU A 834 -1.27 -22.61 23.95
C LEU A 834 -1.97 -21.62 24.90
N ASP A 835 -3.06 -22.05 25.52
CA ASP A 835 -3.93 -21.14 26.25
C ASP A 835 -4.09 -21.64 27.69
N THR A 836 -3.60 -20.86 28.65
CA THR A 836 -3.67 -21.24 30.06
C THR A 836 -5.07 -21.05 30.66
N ASN A 837 -5.94 -20.31 29.99
CA ASN A 837 -7.28 -20.00 30.51
C ASN A 837 -8.43 -20.81 29.90
N PHE A 838 -8.31 -21.11 28.61
CA PHE A 838 -9.36 -21.77 27.83
C PHE A 838 -8.79 -22.98 27.11
N SER A 839 -9.56 -24.06 27.09
CA SER A 839 -9.16 -25.26 26.37
C SER A 839 -9.86 -25.36 25.01
N TYR A 840 -10.77 -24.43 24.71
CA TYR A 840 -11.54 -24.48 23.46
C TYR A 840 -12.27 -23.14 23.31
N VAL A 841 -12.39 -22.67 22.08
CA VAL A 841 -13.18 -21.47 21.79
C VAL A 841 -14.07 -21.79 20.58
N VAL A 842 -15.34 -21.38 20.65
CA VAL A 842 -16.28 -21.50 19.55
C VAL A 842 -16.88 -20.13 19.29
N THR A 843 -16.82 -19.68 18.04
CA THR A 843 -17.39 -18.40 17.63
C THR A 843 -18.50 -18.66 16.65
N VAL A 844 -19.65 -18.04 16.88
CA VAL A 844 -20.77 -18.13 15.95
C VAL A 844 -21.00 -16.75 15.38
N PHE A 845 -20.89 -16.64 14.06
CA PHE A 845 -21.22 -15.42 13.36
C PHE A 845 -22.62 -15.62 12.76
N ASN A 846 -23.61 -14.94 13.31
CA ASN A 846 -24.98 -15.07 12.84
C ASN A 846 -25.44 -13.80 12.15
N VAL A 847 -25.51 -13.84 10.83
CA VAL A 847 -25.99 -12.69 10.07
C VAL A 847 -27.50 -12.73 9.81
N CYS A 848 -28.17 -13.79 10.23
CA CYS A 848 -29.61 -13.82 10.09
C CYS A 848 -30.26 -12.76 10.96
N PRO A 849 -31.40 -12.22 10.51
CA PRO A 849 -32.16 -11.27 11.32
C PRO A 849 -33.12 -11.96 12.30
N HIS A 850 -32.63 -13.01 12.92
CA HIS A 850 -33.40 -13.76 13.91
C HIS A 850 -32.42 -14.65 14.67
N GLU A 851 -32.84 -15.07 15.86
CA GLU A 851 -32.07 -16.00 16.65
C GLU A 851 -31.90 -17.31 15.90
N VAL A 852 -30.75 -17.95 16.10
CA VAL A 852 -30.50 -19.30 15.59
C VAL A 852 -30.07 -20.19 16.74
N SER A 853 -30.31 -21.49 16.58
CA SER A 853 -29.85 -22.51 17.50
C SER A 853 -29.08 -23.53 16.70
N MET A 854 -27.77 -23.54 16.91
CA MET A 854 -26.85 -24.38 16.15
C MET A 854 -26.46 -25.55 17.01
N ASP A 855 -26.90 -26.75 16.64
CA ASP A 855 -26.56 -27.97 17.37
C ASP A 855 -25.28 -28.54 16.79
N ILE A 856 -24.31 -28.73 17.67
CA ILE A 856 -23.00 -29.26 17.32
C ILE A 856 -22.74 -30.41 18.28
N PRO A 857 -23.27 -31.61 17.96
CA PRO A 857 -23.14 -32.74 18.87
C PRO A 857 -21.68 -33.06 19.23
N ALA A 858 -20.75 -32.74 18.32
CA ALA A 858 -19.32 -32.87 18.59
C ALA A 858 -18.85 -32.05 19.80
N LEU A 859 -19.57 -30.98 20.09
CA LEU A 859 -19.23 -30.07 21.19
C LEU A 859 -20.21 -30.19 22.38
N ALA A 860 -21.00 -31.27 22.41
CA ALA A 860 -21.87 -31.56 23.55
C ALA A 860 -21.06 -31.96 24.78
N SER A 861 -21.66 -31.80 25.95
CA SER A 861 -21.08 -32.23 27.23
C SER A 861 -19.71 -31.60 27.49
N MET A 862 -19.57 -30.34 27.13
CA MET A 862 -18.35 -29.60 27.37
C MET A 862 -18.65 -28.38 28.24
N GLY A 863 -17.61 -27.67 28.64
CA GLY A 863 -17.77 -26.63 29.66
C GLY A 863 -17.96 -25.23 29.13
N PHE A 864 -18.58 -25.08 27.95
CA PHE A 864 -18.69 -23.77 27.32
C PHE A 864 -19.53 -22.79 28.10
N GLU A 865 -19.03 -21.56 28.13
CA GLU A 865 -19.70 -20.41 28.71
C GLU A 865 -19.49 -19.25 27.76
N LEU A 866 -20.38 -18.26 27.79
CA LEU A 866 -20.16 -17.05 27.03
C LEU A 866 -18.87 -16.35 27.49
N HIS A 867 -18.10 -15.83 26.54
CA HIS A 867 -16.85 -15.13 26.86
C HIS A 867 -17.13 -14.03 27.90
N PRO A 868 -16.26 -13.90 28.92
CA PRO A 868 -16.55 -12.89 29.96
C PRO A 868 -16.74 -11.46 29.44
N VAL A 869 -16.03 -11.09 28.38
CA VAL A 869 -16.20 -9.76 27.77
C VAL A 869 -17.65 -9.59 27.32
N GLN A 870 -18.23 -10.63 26.73
CA GLN A 870 -19.60 -10.54 26.25
C GLN A 870 -20.66 -10.64 27.36
N VAL A 871 -20.34 -11.38 28.42
CA VAL A 871 -21.20 -11.43 29.59
C VAL A 871 -21.37 -10.02 30.16
N ASN A 872 -20.29 -9.23 30.07
CA ASN A 872 -20.27 -7.87 30.59
C ASN A 872 -20.50 -6.78 29.55
N SER A 873 -20.96 -7.17 28.37
CA SER A 873 -21.10 -6.26 27.26
C SER A 873 -22.14 -5.17 27.51
N SER A 874 -21.85 -3.98 26.99
CA SER A 874 -22.86 -2.92 26.93
C SER A 874 -23.97 -3.23 25.92
N ASP A 875 -23.72 -4.15 25.00
CA ASP A 875 -24.77 -4.66 24.12
C ASP A 875 -25.63 -5.67 24.86
N THR A 876 -26.90 -5.32 25.09
CA THR A 876 -27.79 -6.22 25.84
C THR A 876 -28.06 -7.53 25.09
N LEU A 877 -28.06 -7.47 23.76
CA LEU A 877 -28.48 -8.62 22.96
C LEU A 877 -27.48 -9.79 23.06
N VAL A 878 -26.19 -9.51 22.88
CA VAL A 878 -25.19 -10.59 22.92
C VAL A 878 -25.18 -11.33 24.26
N ARG A 879 -25.59 -10.67 25.34
CA ARG A 879 -25.63 -11.31 26.66
C ARG A 879 -26.60 -12.50 26.71
N LYS A 880 -27.54 -12.57 25.76
CA LYS A 880 -28.57 -13.60 25.76
C LYS A 880 -28.08 -14.91 25.12
N SER A 881 -26.88 -14.88 24.57
CA SER A 881 -26.29 -16.03 23.91
C SER A 881 -26.10 -17.15 24.93
N ALA A 882 -26.31 -18.40 24.51
CA ALA A 882 -26.29 -19.51 25.46
C ALA A 882 -25.86 -20.83 24.84
N TYR A 883 -25.34 -21.70 25.72
CA TYR A 883 -24.91 -23.03 25.37
C TYR A 883 -25.67 -24.04 26.22
N GLU A 884 -26.15 -25.10 25.56
CA GLU A 884 -26.78 -26.22 26.27
C GLU A 884 -25.94 -27.47 26.11
N ALA A 885 -25.46 -28.01 27.22
CA ALA A 885 -24.50 -29.10 27.20
C ALA A 885 -25.03 -30.41 26.63
N ALA A 886 -26.27 -30.78 26.92
CA ALA A 886 -26.75 -32.11 26.52
C ALA A 886 -26.77 -32.27 25.00
N THR A 887 -27.02 -31.18 24.28
CA THR A 887 -27.16 -31.24 22.84
C THR A 887 -26.00 -30.60 22.09
N GLY A 888 -25.16 -29.84 22.79
CA GLY A 888 -24.16 -29.02 22.13
C GLY A 888 -24.81 -27.88 21.35
N ARG A 889 -25.91 -27.33 21.87
CA ARG A 889 -26.66 -26.27 21.20
C ARG A 889 -26.16 -24.89 21.60
N PHE A 890 -25.77 -24.10 20.59
CA PHE A 890 -25.34 -22.71 20.77
C PHE A 890 -26.47 -21.82 20.23
N THR A 891 -27.10 -21.07 21.13
CA THR A 891 -28.21 -20.21 20.78
C THR A 891 -27.69 -18.78 20.70
N VAL A 892 -27.88 -18.14 19.54
CA VAL A 892 -27.24 -16.89 19.20
C VAL A 892 -28.28 -15.94 18.60
N PRO A 893 -28.43 -14.74 19.18
CA PRO A 893 -29.42 -13.80 18.65
C PRO A 893 -29.11 -13.28 17.26
N GLY A 894 -30.10 -12.66 16.64
CA GLY A 894 -29.95 -12.12 15.29
C GLY A 894 -28.83 -11.09 15.19
N ARG A 895 -28.14 -11.10 14.05
CA ARG A 895 -27.11 -10.12 13.72
C ARG A 895 -26.08 -9.98 14.85
N THR A 896 -25.52 -11.11 15.28
CA THR A 896 -24.66 -11.12 16.46
C THR A 896 -23.51 -12.07 16.28
N VAL A 897 -22.35 -11.70 16.82
CA VAL A 897 -21.23 -12.63 16.93
CA VAL A 897 -21.21 -12.61 16.94
C VAL A 897 -21.09 -13.00 18.42
N SER A 898 -21.20 -14.29 18.70
CA SER A 898 -21.12 -14.83 20.05
C SER A 898 -19.89 -15.71 20.18
N VAL A 899 -19.11 -15.46 21.21
CA VAL A 899 -17.88 -16.21 21.47
C VAL A 899 -18.04 -17.00 22.75
N PHE A 900 -17.87 -18.29 22.64
CA PHE A 900 -18.00 -19.21 23.77
C PHE A 900 -16.63 -19.79 24.09
N VAL A 901 -16.32 -19.88 25.38
CA VAL A 901 -15.04 -20.42 25.82
C VAL A 901 -15.27 -21.58 26.78
N GLU A 902 -14.37 -22.56 26.73
CA GLU A 902 -14.34 -23.61 27.72
C GLU A 902 -13.22 -23.30 28.73
N PRO A 903 -13.58 -22.91 29.97
CA PRO A 903 -12.51 -22.63 30.92
C PRO A 903 -11.69 -23.86 31.29
N ARG A 904 -10.41 -23.63 31.59
CA ARG A 904 -9.57 -24.64 32.22
C ARG A 904 -9.84 -24.73 33.72
C1 GLC B . -12.37 -8.77 -11.57
C2 GLC B . -11.51 -9.66 -10.71
C3 GLC B . -11.07 -8.86 -9.48
C4 GLC B . -10.52 -7.47 -9.86
C5 GLC B . -11.58 -6.70 -10.72
C6 GLC B . -11.06 -5.35 -11.23
O1 GLC B . -13.64 -8.70 -10.95
O2 GLC B . -12.21 -10.81 -10.31
O3 GLC B . -10.11 -9.64 -8.80
O4 GLC B . -10.22 -6.70 -8.69
O5 GLC B . -12.08 -7.41 -11.87
O6 GLC B . -10.15 -5.56 -12.28
C1 GLC B . -8.93 -6.97 -8.09
C2 GLC B . -9.03 -6.64 -6.60
C3 GLC B . -9.25 -5.13 -6.45
C4 GLC B . -8.10 -4.37 -7.12
C5 GLC B . -8.00 -4.81 -8.57
C6 GLC B . -6.80 -4.17 -9.30
O2 GLC B . -10.08 -7.36 -5.99
O3 GLC B . -9.35 -4.76 -5.10
O4 GLC B . -8.35 -2.97 -7.06
O5 GLC B . -7.87 -6.22 -8.64
O6 GLC B . -6.76 -4.53 -10.68
C1 GLC B . -7.55 -2.28 -6.08
C2 GLC B . -8.44 -1.33 -5.29
C3 GLC B . -8.88 -0.19 -6.19
C4 GLC B . -7.68 0.49 -6.88
C5 GLC B . -6.86 -0.57 -7.65
C6 GLC B . -5.61 0.01 -8.34
O2 GLC B . -9.56 -2.02 -4.78
O3 GLC B . -9.64 0.75 -5.45
O4 GLC B . -8.18 1.52 -7.73
O5 GLC B . -6.47 -1.57 -6.68
O6 GLC B . -4.92 -0.81 -9.33
C1 GLC B . -7.84 2.89 -7.40
C2 GLC B . -9.11 3.77 -7.40
C3 GLC B . -9.64 3.99 -8.81
C4 GLC B . -8.54 4.44 -9.77
C5 GLC B . -7.33 3.51 -9.68
C6 GLC B . -6.21 4.02 -10.58
O2 GLC B . -10.13 3.22 -6.59
O3 GLC B . -10.67 4.97 -8.82
O4 GLC B . -9.08 4.45 -11.08
O5 GLC B . -6.89 3.43 -8.31
O6 GLC B . -5.06 3.20 -10.46
C1 GLC C . -3.32 1.64 -4.90
C2 GLC C . -3.72 2.65 -3.84
C3 GLC C . -4.76 3.61 -4.39
C4 GLC C . -4.07 4.40 -5.50
C5 GLC C . -3.34 3.54 -6.55
C6 GLC C . -2.14 4.30 -7.17
O1 GLC C . -4.44 0.79 -5.24
O2 GLC C . -4.17 1.92 -2.69
O3 GLC C . -5.19 4.47 -3.31
O4 GLC C . -5.02 5.23 -6.17
O5 GLC C . -2.81 2.32 -6.08
O6 GLC C . -0.91 4.24 -6.37
C1 GLC C . -5.12 6.55 -5.66
C2 GLC C . -6.49 7.11 -6.05
C3 GLC C . -6.62 7.27 -7.55
C4 GLC C . -5.49 8.15 -8.06
C5 GLC C . -4.13 7.58 -7.63
C6 GLC C . -3.01 8.52 -8.00
O2 GLC C . -7.50 6.21 -5.59
O3 GLC C . -7.87 7.86 -7.92
O4 GLC C . -5.53 8.13 -9.49
O5 GLC C . -4.09 7.40 -6.20
O6 GLC C . -3.12 9.71 -7.19
C1 SGD C . -5.87 9.36 -10.13
O5 SGD C . -4.78 9.80 -10.96
C2 SGD C . -7.09 9.15 -11.01
O2 SGD C . -8.23 8.79 -10.22
C3 SGD C . -6.81 8.07 -12.05
O3 SGD C . -7.96 7.93 -12.89
C4 SGD C . -5.56 8.42 -12.88
O4 SGD C . -5.13 7.26 -13.62
C5 SGD C . -4.39 8.87 -11.99
C6 SGD C . -3.27 9.53 -12.81
S1 SGD C . -2.06 10.31 -11.79
C1 GLC C . -1.23 11.15 -13.14
C2 GLC C . -0.04 12.01 -12.70
C3 GLC C . -0.49 13.30 -11.98
C4 GLC C . -1.54 14.05 -12.78
C5 GLC C . -2.64 13.12 -13.27
C6 GLC C . -3.60 13.82 -14.24
O2 GLC C . 0.81 11.25 -11.84
O3 GLC C . 0.67 14.12 -11.74
O4 GLC C . -2.14 15.08 -11.98
O5 GLC C . -2.09 11.97 -13.94
O6 GLC C . -2.94 14.09 -15.48
C1 GLC C . -1.37 16.29 -11.88
C2 GLC C . -2.24 17.40 -11.25
C3 GLC C . -3.12 17.99 -12.35
C4 GLC C . -2.27 18.36 -13.58
C5 GLC C . -1.38 17.18 -14.02
C6 GLC C . -0.53 17.47 -15.26
O2 GLC C . -3.05 16.92 -10.18
O3 GLC C . -3.80 19.14 -11.84
O4 GLC C . -3.12 18.76 -14.67
O5 GLC C . -0.52 16.78 -12.92
O6 GLC C . 0.44 18.47 -14.97
C1 GLC C . -5.87 6.94 -14.82
C2 GLC C . -5.44 5.59 -15.37
C3 GLC C . -3.95 5.62 -15.70
C4 GLC C . -3.69 6.73 -16.73
C5 GLC C . -4.28 8.07 -16.25
C6 GLC C . -4.24 9.12 -17.36
O2 GLC C . -5.71 4.54 -14.41
O3 GLC C . -3.50 4.34 -16.18
O4 GLC C . -2.28 6.90 -16.96
O5 GLC C . -5.64 7.94 -15.82
O6 GLC C . -4.12 10.41 -16.75
I IOD D . 11.93 7.72 -22.27
I IOD E . 23.71 -1.91 -3.14
I IOD F . -18.65 -8.04 21.28
I IOD G . 6.00 18.66 -6.40
I IOD H . 31.29 3.33 -33.20
I IOD I . -34.43 -21.96 -1.20
I IOD J . -11.04 -12.49 29.50
I IOD K . 13.52 -14.17 -4.97
I IOD K . 12.45 -14.26 -7.14
I IOD L . -37.12 -13.01 10.61
CA CA M . -6.46 18.10 -3.34
CL CL N . -31.33 18.42 -3.37
#